data_6JGQ
#
_entry.id   6JGQ
#
_cell.length_a   100.457
_cell.length_b   100.457
_cell.length_c   181.889
_cell.angle_alpha   90.000
_cell.angle_beta   90.000
_cell.angle_gamma   90.000
#
_symmetry.space_group_name_H-M   'P 43 21 2'
#
loop_
_entity.id
_entity.type
_entity.pdbx_description
1 polymer 'BETA-D-GLUCAN GLUCOHYDROLASE ISOENZYME EXO1'
2 branched 'beta-D-glucopyranose-(1-2)-methyl 2-thio-beta-D-glucopyranoside'
3 non-polymer 2-acetamido-2-deoxy-beta-D-glucopyranose
4 non-polymer GLYCEROL
5 non-polymer 'SULFATE ION'
6 water water
#
_entity_poly.entity_id   1
_entity_poly.type   'polypeptide(L)'
_entity_poly.pdbx_seq_one_letter_code
;HHAADYVLYKDATKPVEDRVADLLGRMTLAEKIGQMTQIERLVATPDVLRDNFIGSLLSGGGSVPRKGATAKEWQDMVDG
FQKACMSTRLGIPMIYGIDAVHGQNNVYGATIFPHNVGLGATRDPYLVKRIGEATALEVRATGIQYAFAPCIAVCRDPRW
GRCYESYSEDRRIVQSMTELIPGLQGDVPKDFTSGMPFVAGKNKVAACAKHFVGDGGTVDGINENNTIINREGLMNIHMP
AYKNAMDKGVSTVMISYSSWNGVKMHANQDLVTGYLKDTLKFKGFVISDWEGIDRITTPAGSDYSYSVKASILAGLDMIM
VPNKYQQFISILTGHVNGGVIPMSRIDDAVTRILRVKFTMGLFENPYADPAMAEQLGKQEHRDLAREAARKSLVLLKNGK
TSTDAPLLPLPKKAPKILVAGSHADNLGYQCGGWTIEYQGDTGRTTVGTTILEAVKAAVDPSTVVVFAENPDAEFVKSGG
FSYAIVAVGEHPYTETKGDNLNLTIPEPGLSTVQAVCGGVRCATVLISGRPVVVQPLLAASDALVAAWLPGSEGQGVTDA
LFGDFGFTGRLPRTWFKSVDQLPMNVGDAHYDPLFRLGYGLTTNATKKY
;
_entity_poly.pdbx_strand_id   A
#
loop_
_chem_comp.id
_chem_comp.type
_chem_comp.name
_chem_comp.formula
BGC D-saccharide, beta linking beta-D-glucopyranose 'C6 H12 O6'
GOL non-polymer GLYCEROL 'C3 H8 O3'
NAG D-saccharide, beta linking 2-acetamido-2-deoxy-beta-D-glucopyranose 'C8 H15 N O6'
SO4 non-polymer 'SULFATE ION' 'O4 S -2'
U2A D-saccharide 'methyl 2-thio-beta-D-glucopyranoside' 'C7 H14 O5 S'
#
# COMPACT_ATOMS: atom_id res chain seq x y z
N HIS A 1 -23.69 9.73 -35.45
CA HIS A 1 -22.38 9.81 -36.17
C HIS A 1 -22.00 8.46 -36.90
N HIS A 2 -22.89 7.93 -37.75
CA HIS A 2 -22.55 7.23 -39.04
C HIS A 2 -23.07 5.78 -39.34
N ALA A 3 -23.44 4.99 -38.34
CA ALA A 3 -24.12 3.68 -38.57
C ALA A 3 -25.62 3.75 -38.13
N ALA A 4 -26.48 2.89 -38.64
CA ALA A 4 -27.92 2.93 -38.26
C ALA A 4 -28.26 2.52 -36.78
N ASP A 5 -27.44 1.62 -36.23
CA ASP A 5 -27.53 1.17 -34.83
C ASP A 5 -26.45 1.88 -33.92
N TYR A 6 -26.24 3.16 -34.16
CA TYR A 6 -25.16 3.90 -33.54
C TYR A 6 -25.58 4.36 -32.15
N VAL A 7 -24.69 4.25 -31.18
CA VAL A 7 -24.99 4.59 -29.82
C VAL A 7 -23.77 5.44 -29.37
N LEU A 8 -23.99 6.71 -29.06
CA LEU A 8 -22.90 7.66 -28.85
C LEU A 8 -21.93 7.12 -27.74
N TYR A 9 -22.45 6.56 -26.66
CA TYR A 9 -21.52 6.22 -25.55
C TYR A 9 -20.56 5.13 -25.96
N LYS A 10 -20.92 4.33 -26.94
CA LYS A 10 -20.01 3.32 -27.47
C LYS A 10 -18.96 3.84 -28.47
N ASP A 11 -18.99 5.10 -28.84
CA ASP A 11 -18.08 5.64 -29.87
C ASP A 11 -16.84 6.20 -29.18
N ALA A 12 -15.73 5.49 -29.32
CA ALA A 12 -14.48 5.88 -28.72
C ALA A 12 -13.97 7.27 -29.14
N THR A 13 -14.52 7.88 -30.20
CA THR A 13 -13.98 9.15 -30.69
C THR A 13 -14.64 10.28 -30.00
N LYS A 14 -15.72 10.04 -29.26
CA LYS A 14 -16.43 11.14 -28.58
C LYS A 14 -15.82 11.57 -27.25
N PRO A 15 -16.03 12.82 -26.83
CA PRO A 15 -15.48 13.31 -25.56
C PRO A 15 -16.08 12.56 -24.39
N VAL A 16 -15.27 12.36 -23.36
CA VAL A 16 -15.70 11.54 -22.22
C VAL A 16 -16.99 12.04 -21.66
N GLU A 17 -17.09 13.34 -21.40
CA GLU A 17 -18.35 13.90 -20.80
C GLU A 17 -19.65 13.62 -21.61
N ASP A 18 -19.54 13.65 -22.93
CA ASP A 18 -20.63 13.33 -23.84
C ASP A 18 -21.00 11.85 -23.75
N ARG A 19 -19.98 11.01 -23.62
CA ARG A 19 -20.19 9.57 -23.48
C ARG A 19 -20.86 9.24 -22.14
N VAL A 20 -20.39 9.86 -21.08
CA VAL A 20 -20.99 9.73 -19.74
C VAL A 20 -22.46 10.11 -19.76
N ALA A 21 -22.76 11.31 -20.27
CA ALA A 21 -24.12 11.80 -20.26
C ALA A 21 -25.03 10.96 -21.12
N ASP A 22 -24.49 10.45 -22.22
CA ASP A 22 -25.29 9.68 -23.15
C ASP A 22 -25.64 8.36 -22.53
N LEU A 23 -24.68 7.78 -21.81
CA LEU A 23 -24.98 6.47 -21.17
C LEU A 23 -25.90 6.66 -19.96
N LEU A 24 -25.61 7.67 -19.16
CA LEU A 24 -26.39 7.88 -17.92
C LEU A 24 -27.91 8.04 -18.23
N GLY A 25 -28.19 8.73 -19.33
CA GLY A 25 -29.53 9.05 -19.80
C GLY A 25 -30.28 7.83 -20.22
N ARG A 26 -29.64 6.71 -20.46
CA ARG A 26 -30.34 5.53 -20.87
C ARG A 26 -30.56 4.58 -19.74
N MET A 27 -29.96 4.83 -18.57
CA MET A 27 -29.87 3.79 -17.54
C MET A 27 -31.10 3.71 -16.63
N THR A 28 -31.53 2.52 -16.26
CA THR A 28 -32.57 2.37 -15.23
C THR A 28 -31.97 2.59 -13.87
N LEU A 29 -32.83 2.67 -12.87
CA LEU A 29 -32.40 2.82 -11.48
C LEU A 29 -31.56 1.60 -11.09
N ALA A 30 -32.00 0.44 -11.49
CA ALA A 30 -31.24 -0.76 -11.17
C ALA A 30 -29.80 -0.74 -11.78
N GLU A 31 -29.69 -0.24 -13.02
CA GLU A 31 -28.45 -0.11 -13.75
C GLU A 31 -27.51 0.88 -13.06
N LYS A 32 -28.10 1.97 -12.58
CA LYS A 32 -27.40 2.99 -11.82
C LYS A 32 -26.88 2.50 -10.51
N ILE A 33 -27.75 1.89 -9.73
CA ILE A 33 -27.33 1.36 -8.42
C ILE A 33 -26.28 0.26 -8.55
N GLY A 34 -26.41 -0.59 -9.59
CA GLY A 34 -25.43 -1.62 -9.93
C GLY A 34 -24.03 -1.03 -10.12
N GLN A 35 -23.88 0.09 -10.82
CA GLN A 35 -22.60 0.74 -10.95
C GLN A 35 -21.98 1.14 -9.66
N MET A 36 -22.82 1.53 -8.70
CA MET A 36 -22.39 1.94 -7.38
C MET A 36 -21.98 0.79 -6.44
N THR A 37 -22.10 -0.44 -6.91
CA THR A 37 -21.89 -1.59 -6.14
C THR A 37 -20.61 -2.33 -6.53
N GLN A 38 -19.71 -2.45 -5.58
CA GLN A 38 -18.53 -3.28 -5.72
C GLN A 38 -18.62 -4.50 -4.87
N ILE A 39 -18.37 -5.67 -5.46
CA ILE A 39 -18.41 -6.94 -4.75
C ILE A 39 -17.14 -7.73 -4.77
N GLU A 40 -16.98 -8.58 -3.78
CA GLU A 40 -15.84 -9.43 -3.73
C GLU A 40 -15.98 -10.47 -4.82
N ARG A 41 -14.84 -10.83 -5.41
CA ARG A 41 -14.83 -11.99 -6.34
C ARG A 41 -15.39 -13.25 -5.71
N LEU A 42 -15.21 -13.39 -4.40
CA LEU A 42 -15.75 -14.56 -3.70
C LEU A 42 -17.25 -14.71 -3.78
N VAL A 43 -18.01 -13.63 -4.01
CA VAL A 43 -19.47 -13.77 -4.11
C VAL A 43 -19.95 -13.59 -5.54
N ALA A 44 -19.04 -13.39 -6.48
CA ALA A 44 -19.43 -13.03 -7.83
C ALA A 44 -19.63 -14.32 -8.64
N THR A 45 -20.65 -14.31 -9.50
CA THR A 45 -20.84 -15.32 -10.50
C THR A 45 -21.33 -14.61 -11.75
N PRO A 46 -21.31 -15.29 -12.94
CA PRO A 46 -21.82 -14.61 -14.13
C PRO A 46 -23.25 -14.06 -13.96
N ASP A 47 -24.13 -14.86 -13.35
CA ASP A 47 -25.52 -14.38 -13.16
C ASP A 47 -25.64 -13.23 -12.20
N VAL A 48 -24.83 -13.23 -11.11
CA VAL A 48 -24.93 -12.18 -10.13
C VAL A 48 -24.52 -10.89 -10.75
N LEU A 49 -23.42 -10.92 -11.54
CA LEU A 49 -22.93 -9.71 -12.19
C LEU A 49 -23.89 -9.10 -13.20
N ARG A 50 -24.52 -9.97 -13.98
CA ARG A 50 -25.50 -9.59 -15.02
C ARG A 50 -26.77 -9.12 -14.39
N ASP A 51 -27.33 -9.93 -13.49
CA ASP A 51 -28.66 -9.66 -12.93
C ASP A 51 -28.66 -8.43 -12.08
N ASN A 52 -27.57 -8.16 -11.40
CA ASN A 52 -27.49 -6.97 -10.53
C ASN A 52 -26.72 -5.79 -11.15
N PHE A 53 -26.35 -5.88 -12.43
CA PHE A 53 -25.71 -4.80 -13.18
C PHE A 53 -24.48 -4.26 -12.47
N ILE A 54 -23.69 -5.17 -11.89
CA ILE A 54 -22.62 -4.80 -10.94
C ILE A 54 -21.55 -3.99 -11.66
N GLY A 55 -21.02 -3.00 -10.94
CA GLY A 55 -20.13 -2.02 -11.46
C GLY A 55 -18.70 -2.37 -11.25
N SER A 56 -18.43 -3.13 -10.19
CA SER A 56 -17.04 -3.32 -9.80
C SER A 56 -16.86 -4.56 -9.03
N LEU A 57 -15.69 -5.18 -9.16
CA LEU A 57 -15.26 -6.29 -8.30
C LEU A 57 -13.98 -5.94 -7.62
N LEU A 58 -13.67 -6.64 -6.51
CA LEU A 58 -12.33 -6.58 -5.97
C LEU A 58 -11.92 -7.92 -5.45
N SER A 59 -10.62 -8.03 -5.27
CA SER A 59 -9.99 -9.00 -4.40
C SER A 59 -9.57 -8.27 -3.17
N GLY A 60 -10.14 -8.65 -2.04
CA GLY A 60 -9.53 -8.27 -0.75
C GLY A 60 -8.21 -8.95 -0.50
N GLY A 61 -7.52 -8.60 0.58
CA GLY A 61 -6.25 -9.25 0.85
C GLY A 61 -6.42 -10.76 0.86
N GLY A 62 -5.59 -11.45 0.09
CA GLY A 62 -5.69 -12.89 0.04
C GLY A 62 -6.76 -13.52 -0.77
N SER A 63 -7.54 -12.70 -1.51
CA SER A 63 -8.66 -13.27 -2.31
C SER A 63 -8.12 -13.49 -3.71
N VAL A 64 -7.82 -14.74 -4.02
CA VAL A 64 -7.08 -15.20 -5.15
C VAL A 64 -7.76 -16.42 -5.78
N PRO A 65 -7.59 -16.60 -7.10
CA PRO A 65 -8.31 -17.72 -7.75
C PRO A 65 -7.81 -19.07 -7.26
N ARG A 66 -6.53 -19.12 -6.98
CA ARG A 66 -5.96 -20.15 -6.17
C ARG A 66 -4.54 -19.82 -5.77
N LYS A 67 -4.04 -20.55 -4.78
CA LYS A 67 -2.65 -20.37 -4.34
C LYS A 67 -1.80 -20.63 -5.49
N GLY A 68 -0.76 -19.85 -5.67
CA GLY A 68 0.24 -20.14 -6.72
C GLY A 68 -0.31 -19.79 -8.10
N ALA A 69 -1.45 -19.15 -8.22
CA ALA A 69 -2.01 -18.94 -9.61
C ALA A 69 -1.04 -18.16 -10.47
N THR A 70 -0.98 -18.49 -11.72
CA THR A 70 -0.17 -17.76 -12.71
C THR A 70 -0.88 -16.44 -13.12
N ALA A 71 -0.12 -15.59 -13.79
CA ALA A 71 -0.66 -14.34 -14.32
C ALA A 71 -1.84 -14.65 -15.23
N LYS A 72 -1.75 -15.69 -16.07
CA LYS A 72 -2.84 -15.97 -17.00
C LYS A 72 -4.09 -16.44 -16.29
N GLU A 73 -3.92 -17.22 -15.21
CA GLU A 73 -5.08 -17.59 -14.37
C GLU A 73 -5.76 -16.37 -13.86
N TRP A 74 -5.00 -15.35 -13.47
CA TRP A 74 -5.67 -14.14 -13.04
C TRP A 74 -6.44 -13.48 -14.19
N GLN A 75 -5.83 -13.36 -15.34
CA GLN A 75 -6.43 -12.76 -16.51
C GLN A 75 -7.70 -13.50 -16.86
N ASP A 76 -7.67 -14.82 -16.85
CA ASP A 76 -8.82 -15.59 -17.24
C ASP A 76 -9.97 -15.35 -16.23
N MET A 77 -9.61 -15.28 -14.94
CA MET A 77 -10.61 -14.97 -13.95
C MET A 77 -11.29 -13.63 -14.18
N VAL A 78 -10.47 -12.60 -14.34
CA VAL A 78 -10.99 -11.27 -14.53
C VAL A 78 -11.82 -11.16 -15.83
N ASP A 79 -11.34 -11.76 -16.91
CA ASP A 79 -12.08 -11.73 -18.16
C ASP A 79 -13.41 -12.46 -18.06
N GLY A 80 -13.44 -13.58 -17.34
CA GLY A 80 -14.70 -14.32 -17.03
C GLY A 80 -15.75 -13.45 -16.40
N PHE A 81 -15.36 -12.67 -15.42
CA PHE A 81 -16.23 -11.71 -14.78
C PHE A 81 -16.59 -10.60 -15.81
N GLN A 82 -15.62 -10.09 -16.55
CA GLN A 82 -15.93 -9.02 -17.48
C GLN A 82 -16.92 -9.45 -18.56
N LYS A 83 -16.73 -10.65 -19.04
CA LYS A 83 -17.60 -11.23 -20.09
C LYS A 83 -19.07 -11.17 -19.63
N ALA A 84 -19.31 -11.48 -18.36
CA ALA A 84 -20.65 -11.42 -17.83
C ALA A 84 -21.14 -9.97 -17.82
N CYS A 85 -20.32 -9.01 -17.39
CA CYS A 85 -20.75 -7.62 -17.28
C CYS A 85 -20.97 -7.04 -18.70
N MET A 86 -20.18 -7.48 -19.67
CA MET A 86 -20.35 -6.93 -21.02
C MET A 86 -21.60 -7.48 -21.70
N SER A 87 -22.15 -8.55 -21.16
CA SER A 87 -23.38 -9.18 -21.69
C SER A 87 -24.65 -8.47 -21.19
N THR A 88 -24.56 -7.54 -20.25
CA THR A 88 -25.73 -6.82 -19.87
C THR A 88 -26.30 -6.03 -21.07
N ARG A 89 -27.51 -5.53 -20.88
CA ARG A 89 -28.15 -4.67 -21.86
C ARG A 89 -27.27 -3.51 -22.35
N LEU A 90 -26.65 -2.80 -21.41
CA LEU A 90 -25.87 -1.63 -21.79
C LEU A 90 -24.38 -2.02 -22.00
N GLY A 91 -23.95 -3.18 -21.51
CA GLY A 91 -22.57 -3.62 -21.76
C GLY A 91 -21.57 -2.71 -21.07
N ILE A 92 -21.86 -2.35 -19.84
CA ILE A 92 -20.92 -1.52 -19.12
C ILE A 92 -19.83 -2.42 -18.44
N PRO A 93 -18.56 -2.20 -18.81
CA PRO A 93 -17.55 -3.07 -18.25
C PRO A 93 -17.36 -2.79 -16.75
N MET A 94 -17.04 -3.83 -16.00
CA MET A 94 -16.66 -3.66 -14.64
C MET A 94 -15.19 -3.23 -14.59
N ILE A 95 -14.89 -2.61 -13.46
CA ILE A 95 -13.51 -2.29 -13.04
C ILE A 95 -13.18 -3.17 -11.84
N TYR A 96 -12.00 -3.79 -11.89
CA TYR A 96 -11.53 -4.79 -10.91
C TYR A 96 -10.42 -4.15 -10.10
N GLY A 97 -10.57 -4.11 -8.79
CA GLY A 97 -9.61 -3.45 -7.91
C GLY A 97 -8.91 -4.42 -6.97
N ILE A 98 -7.72 -4.04 -6.51
CA ILE A 98 -6.95 -4.89 -5.69
C ILE A 98 -5.98 -4.01 -4.91
N ASP A 99 -5.56 -4.49 -3.73
CA ASP A 99 -4.51 -3.84 -2.96
C ASP A 99 -3.15 -4.24 -3.52
N ALA A 100 -2.67 -3.45 -4.47
CA ALA A 100 -1.29 -3.58 -5.03
C ALA A 100 -0.61 -2.37 -4.40
N VAL A 101 -0.16 -2.56 -3.17
CA VAL A 101 0.36 -1.46 -2.38
C VAL A 101 1.90 -1.52 -2.20
N HIS A 102 2.55 -2.60 -2.63
CA HIS A 102 4.00 -2.64 -2.68
C HIS A 102 4.36 -3.67 -3.68
N GLY A 103 3.97 -3.34 -4.91
CA GLY A 103 3.88 -4.32 -5.98
C GLY A 103 2.48 -4.86 -6.05
N GLN A 104 2.29 -5.81 -6.96
CA GLN A 104 1.02 -6.57 -7.06
C GLN A 104 1.08 -7.74 -6.08
N ASN A 105 0.98 -7.38 -4.82
CA ASN A 105 1.39 -8.20 -3.71
C ASN A 105 0.55 -9.40 -3.31
N ASN A 106 -0.68 -9.53 -3.79
CA ASN A 106 -1.50 -10.74 -3.64
C ASN A 106 -1.05 -11.88 -4.52
N VAL A 107 -0.23 -11.57 -5.50
CA VAL A 107 0.01 -12.52 -6.59
C VAL A 107 1.36 -13.20 -6.41
N TYR A 108 1.36 -14.52 -6.60
CA TYR A 108 2.55 -15.31 -6.48
C TYR A 108 3.52 -14.93 -7.58
N GLY A 109 4.80 -14.72 -7.26
CA GLY A 109 5.76 -14.33 -8.32
C GLY A 109 5.77 -12.85 -8.69
N ALA A 110 4.91 -12.04 -8.09
CA ALA A 110 4.97 -10.61 -8.30
C ALA A 110 6.17 -9.97 -7.57
N THR A 111 6.77 -8.97 -8.18
CA THR A 111 7.86 -8.27 -7.50
C THR A 111 7.30 -7.60 -6.24
N ILE A 112 7.95 -7.76 -5.10
CA ILE A 112 7.46 -7.12 -3.89
C ILE A 112 8.43 -5.98 -3.51
N PHE A 113 7.92 -4.75 -3.58
CA PHE A 113 8.76 -3.60 -3.28
C PHE A 113 8.78 -3.33 -1.79
N PRO A 114 9.77 -2.56 -1.32
CA PRO A 114 9.65 -2.07 0.04
C PRO A 114 8.34 -1.39 0.39
N HIS A 115 7.91 -1.60 1.62
CA HIS A 115 6.77 -0.87 2.08
C HIS A 115 7.06 0.68 2.17
N ASN A 116 5.96 1.43 2.26
CA ASN A 116 5.99 2.87 2.15
C ASN A 116 6.91 3.55 3.15
N VAL A 117 7.00 3.07 4.38
CA VAL A 117 7.87 3.75 5.34
C VAL A 117 9.31 3.74 4.82
N GLY A 118 9.74 2.61 4.28
CA GLY A 118 11.07 2.52 3.71
C GLY A 118 11.25 3.42 2.54
N LEU A 119 10.24 3.51 1.69
CA LEU A 119 10.32 4.41 0.54
C LEU A 119 10.45 5.86 1.05
N GLY A 120 9.77 6.21 2.12
CA GLY A 120 9.95 7.57 2.65
C GLY A 120 11.38 7.78 3.08
N ALA A 121 12.05 6.72 3.51
CA ALA A 121 13.48 6.88 3.87
C ALA A 121 14.40 7.22 2.68
N THR A 122 13.96 6.95 1.45
CA THR A 122 14.79 7.20 0.28
C THR A 122 14.81 8.69 -0.10
N ARG A 123 13.83 9.44 0.35
CA ARG A 123 13.58 10.81 -0.15
C ARG A 123 13.69 10.91 -1.67
N ASP A 124 13.22 9.88 -2.41
CA ASP A 124 13.45 9.81 -3.83
C ASP A 124 12.11 9.63 -4.54
N PRO A 125 11.42 10.74 -4.80
CA PRO A 125 10.10 10.67 -5.43
C PRO A 125 10.13 10.05 -6.82
N TYR A 126 11.21 10.19 -7.54
CA TYR A 126 11.31 9.60 -8.86
C TYR A 126 11.44 8.04 -8.82
N LEU A 127 12.12 7.54 -7.82
CA LEU A 127 12.19 6.13 -7.54
C LEU A 127 10.75 5.62 -7.27
N VAL A 128 9.95 6.36 -6.52
CA VAL A 128 8.59 5.95 -6.20
C VAL A 128 7.73 5.98 -7.43
N LYS A 129 7.91 7.00 -8.29
CA LYS A 129 7.24 7.03 -9.58
C LYS A 129 7.52 5.76 -10.38
N ARG A 130 8.80 5.39 -10.47
CA ARG A 130 9.22 4.24 -11.25
C ARG A 130 8.62 2.97 -10.62
N ILE A 131 8.50 2.93 -9.30
CA ILE A 131 7.85 1.84 -8.63
C ILE A 131 6.31 1.82 -9.02
N GLY A 132 5.67 2.98 -9.12
CA GLY A 132 4.31 3.08 -9.66
C GLY A 132 4.20 2.49 -11.05
N GLU A 133 5.14 2.87 -11.91
CA GLU A 133 5.14 2.39 -13.25
C GLU A 133 5.25 0.90 -13.33
N ALA A 134 6.20 0.31 -12.62
CA ALA A 134 6.38 -1.16 -12.57
C ALA A 134 5.18 -1.87 -12.00
N THR A 135 4.62 -1.32 -10.93
CA THR A 135 3.42 -1.86 -10.30
C THR A 135 2.22 -1.87 -11.25
N ALA A 136 1.99 -0.79 -12.02
CA ALA A 136 0.93 -0.78 -13.06
C ALA A 136 1.05 -1.93 -14.06
N LEU A 137 2.27 -2.17 -14.51
CA LEU A 137 2.57 -3.25 -15.42
C LEU A 137 2.31 -4.64 -14.82
N GLU A 138 2.70 -4.85 -13.56
CA GLU A 138 2.46 -6.10 -12.91
C GLU A 138 1.01 -6.36 -12.52
N VAL A 139 0.28 -5.30 -12.26
CA VAL A 139 -1.15 -5.40 -12.05
C VAL A 139 -1.86 -5.71 -13.38
N ARG A 140 -1.50 -5.02 -14.46
CA ARG A 140 -2.10 -5.30 -15.78
C ARG A 140 -1.72 -6.69 -16.31
N ALA A 141 -0.61 -7.21 -15.81
CA ALA A 141 -0.20 -8.59 -16.11
C ALA A 141 -1.20 -9.64 -15.66
N THR A 142 -1.94 -9.31 -14.62
CA THR A 142 -2.95 -10.13 -14.02
C THR A 142 -4.36 -9.72 -14.46
N GLY A 143 -4.47 -8.78 -15.39
CA GLY A 143 -5.77 -8.38 -15.94
C GLY A 143 -6.50 -7.33 -15.10
N ILE A 144 -5.85 -6.84 -14.07
CA ILE A 144 -6.53 -5.94 -13.17
C ILE A 144 -6.22 -4.47 -13.53
N GLN A 145 -7.25 -3.62 -13.37
CA GLN A 145 -7.19 -2.23 -13.88
C GLN A 145 -7.13 -1.15 -12.80
N TYR A 146 -7.09 -1.53 -11.54
CA TYR A 146 -7.36 -0.57 -10.47
C TYR A 146 -6.61 -1.02 -9.19
N ALA A 147 -5.78 -0.15 -8.65
CA ALA A 147 -5.01 -0.42 -7.48
C ALA A 147 -5.41 0.49 -6.36
N PHE A 148 -5.68 -0.08 -5.22
CA PHE A 148 -6.02 0.73 -4.05
C PHE A 148 -4.74 1.30 -3.43
N ALA A 149 -4.10 2.24 -4.12
CA ALA A 149 -2.89 2.88 -3.68
C ALA A 149 -2.76 4.23 -4.39
N PRO A 150 -2.05 5.20 -3.78
CA PRO A 150 -1.25 5.13 -2.55
C PRO A 150 -2.03 5.37 -1.27
N CYS A 151 -1.61 4.70 -0.21
CA CYS A 151 -1.90 5.16 1.12
C CYS A 151 -1.08 6.45 1.38
N ILE A 152 -1.75 7.61 1.51
CA ILE A 152 -1.13 8.89 1.85
C ILE A 152 -1.48 9.33 3.28
N ALA A 153 -1.72 8.35 4.14
CA ALA A 153 -1.82 8.61 5.57
C ALA A 153 -0.49 9.21 6.03
N VAL A 154 -0.60 10.10 7.01
CA VAL A 154 0.56 10.65 7.68
C VAL A 154 0.52 10.06 9.10
N CYS A 155 1.27 9.00 9.32
CA CYS A 155 1.18 8.30 10.59
C CYS A 155 1.85 9.15 11.66
N ARG A 156 1.08 9.49 12.69
CA ARG A 156 1.60 10.37 13.73
C ARG A 156 1.93 9.67 15.01
N ASP A 157 1.69 8.36 15.02
CA ASP A 157 1.93 7.52 16.18
C ASP A 157 2.26 6.11 15.70
N PRO A 158 3.50 5.62 15.90
CA PRO A 158 3.94 4.34 15.33
C PRO A 158 3.29 3.14 16.03
N ARG A 159 2.51 3.35 17.11
CA ARG A 159 1.71 2.24 17.64
C ARG A 159 0.63 1.77 16.66
N TRP A 160 0.33 2.58 15.67
CA TRP A 160 -0.64 2.21 14.64
C TRP A 160 -0.16 1.00 13.79
N GLY A 161 -1.02 0.02 13.58
CA GLY A 161 -0.68 -1.16 12.79
C GLY A 161 -0.43 -0.93 11.29
N ARG A 162 -0.79 0.22 10.79
CA ARG A 162 -0.53 0.60 9.40
C ARG A 162 0.52 1.66 9.27
N CYS A 163 1.32 1.90 10.32
CA CYS A 163 2.33 2.97 10.21
C CYS A 163 3.29 2.68 9.04
N TYR A 164 3.55 1.40 8.74
CA TYR A 164 4.40 1.08 7.58
C TYR A 164 3.79 1.46 6.24
N GLU A 165 2.47 1.66 6.18
CA GLU A 165 1.83 2.12 4.95
C GLU A 165 1.89 3.61 4.72
N SER A 166 2.52 4.35 5.63
CA SER A 166 2.68 5.78 5.53
C SER A 166 4.12 6.09 5.21
N TYR A 167 4.35 6.97 4.23
CA TYR A 167 5.71 7.24 3.83
C TYR A 167 6.49 7.97 4.94
N SER A 168 5.77 8.75 5.78
CA SER A 168 6.41 9.60 6.79
C SER A 168 5.43 10.22 7.76
N GLU A 169 5.91 10.60 8.93
CA GLU A 169 5.17 11.40 9.88
C GLU A 169 5.11 12.86 9.44
N ASP A 170 5.92 13.23 8.45
CA ASP A 170 6.02 14.57 7.94
C ASP A 170 5.25 14.60 6.62
N ARG A 171 4.18 15.35 6.61
CA ARG A 171 3.35 15.53 5.40
C ARG A 171 4.15 15.93 4.15
N ARG A 172 5.24 16.68 4.29
CA ARG A 172 5.98 17.09 3.11
C ARG A 172 6.56 15.92 2.35
N ILE A 173 6.96 14.90 3.10
CA ILE A 173 7.54 13.70 2.49
C ILE A 173 6.41 12.95 1.82
N VAL A 174 5.25 12.87 2.49
CA VAL A 174 4.11 12.17 1.95
C VAL A 174 3.68 12.87 0.64
N GLN A 175 3.58 14.21 0.71
CA GLN A 175 3.32 14.99 -0.50
C GLN A 175 4.29 14.63 -1.62
N SER A 176 5.60 14.62 -1.34
CA SER A 176 6.59 14.32 -2.35
C SER A 176 6.34 12.95 -3.01
N MET A 177 5.86 11.99 -2.23
CA MET A 177 5.70 10.61 -2.70
C MET A 177 4.37 10.27 -3.41
N THR A 178 3.53 11.27 -3.56
CA THR A 178 2.34 11.22 -4.43
C THR A 178 2.72 11.04 -5.89
N GLU A 179 4.01 11.10 -6.19
CA GLU A 179 4.52 10.70 -7.53
C GLU A 179 4.23 9.25 -7.85
N LEU A 180 3.87 8.45 -6.84
CA LEU A 180 3.35 7.12 -7.16
C LEU A 180 2.16 7.21 -8.15
N ILE A 181 1.36 8.24 -7.99
CA ILE A 181 0.12 8.41 -8.75
C ILE A 181 0.39 8.42 -10.23
N PRO A 182 1.19 9.37 -10.74
CA PRO A 182 1.43 9.38 -12.16
C PRO A 182 2.30 8.22 -12.62
N GLY A 183 2.98 7.54 -11.71
CA GLY A 183 3.55 6.25 -12.07
C GLY A 183 2.50 5.21 -12.42
N LEU A 184 1.54 5.04 -11.53
CA LEU A 184 0.46 4.07 -11.71
C LEU A 184 -0.41 4.41 -12.91
N GLN A 185 -0.73 5.66 -13.04
CA GLN A 185 -1.75 6.14 -14.00
C GLN A 185 -1.26 6.72 -15.32
N GLY A 186 0.01 7.09 -15.36
CA GLY A 186 0.57 7.96 -16.37
C GLY A 186 0.54 9.42 -15.97
N ASP A 187 1.41 10.19 -16.61
CA ASP A 187 1.49 11.62 -16.39
C ASP A 187 0.32 12.33 -17.00
N VAL A 188 -0.21 13.31 -16.32
CA VAL A 188 -1.34 14.08 -16.87
C VAL A 188 -0.86 15.05 -17.96
N PRO A 189 -1.72 15.47 -18.87
CA PRO A 189 -1.35 16.50 -19.83
C PRO A 189 -0.93 17.83 -19.28
N LYS A 190 -0.22 18.60 -20.09
CA LYS A 190 0.16 19.99 -19.74
C LYS A 190 -1.05 20.80 -19.27
N ASP A 191 -2.14 20.65 -19.96
CA ASP A 191 -3.33 21.46 -19.73
C ASP A 191 -4.20 21.07 -18.49
N PHE A 192 -3.76 20.15 -17.64
CA PHE A 192 -4.72 19.32 -16.90
C PHE A 192 -5.45 20.10 -15.82
N THR A 193 -6.76 19.92 -15.67
CA THR A 193 -7.44 20.52 -14.51
C THR A 193 -7.40 19.68 -13.20
N SER A 194 -6.82 20.27 -12.14
CA SER A 194 -6.69 19.59 -10.86
C SER A 194 -8.06 19.04 -10.43
N GLY A 195 -8.05 17.79 -10.01
CA GLY A 195 -9.24 17.07 -9.50
C GLY A 195 -9.92 16.19 -10.54
N MET A 196 -9.58 16.36 -11.79
CA MET A 196 -10.05 15.45 -12.84
C MET A 196 -9.32 14.11 -12.72
N PRO A 197 -10.03 13.00 -13.02
CA PRO A 197 -9.41 11.68 -12.97
C PRO A 197 -8.60 11.48 -14.25
N PHE A 198 -7.58 10.68 -14.17
CA PHE A 198 -6.73 10.38 -15.32
C PHE A 198 -6.17 9.00 -15.24
N VAL A 199 -6.16 8.31 -16.38
CA VAL A 199 -5.39 7.07 -16.55
C VAL A 199 -5.00 7.05 -18.03
N ALA A 200 -3.74 6.77 -18.34
CA ALA A 200 -3.27 6.92 -19.71
C ALA A 200 -3.91 5.95 -20.70
N GLY A 201 -4.12 4.73 -20.30
CA GLY A 201 -4.62 3.69 -21.18
C GLY A 201 -4.43 2.33 -20.56
N LYS A 202 -4.42 1.33 -21.44
CA LYS A 202 -4.51 -0.08 -21.07
C LYS A 202 -3.28 -0.64 -20.37
N ASN A 203 -2.16 0.05 -20.44
CA ASN A 203 -0.97 -0.33 -19.72
C ASN A 203 -0.76 0.39 -18.41
N LYS A 204 -1.76 1.17 -18.00
CA LYS A 204 -1.75 1.86 -16.73
C LYS A 204 -3.02 1.44 -15.94
N VAL A 205 -3.05 1.86 -14.69
CA VAL A 205 -4.14 1.54 -13.79
C VAL A 205 -4.68 2.77 -13.11
N ALA A 206 -5.97 2.70 -12.76
CA ALA A 206 -6.54 3.71 -11.89
C ALA A 206 -5.94 3.54 -10.48
N ALA A 207 -5.64 4.67 -9.84
CA ALA A 207 -5.10 4.77 -8.51
C ALA A 207 -6.18 5.24 -7.56
N CYS A 208 -5.84 5.23 -6.27
CA CYS A 208 -6.73 5.50 -5.20
C CYS A 208 -5.96 6.16 -4.05
N ALA A 209 -6.23 7.43 -3.78
CA ALA A 209 -5.58 8.08 -2.66
C ALA A 209 -6.40 7.70 -1.44
N LYS A 210 -5.78 7.07 -0.44
CA LYS A 210 -6.50 6.58 0.68
C LYS A 210 -5.77 6.91 2.02
N HIS A 211 -6.43 6.92 3.17
CA HIS A 211 -7.86 6.82 3.38
C HIS A 211 -8.28 8.19 3.94
N PHE A 212 -9.28 8.81 3.30
CA PHE A 212 -9.57 10.20 3.45
C PHE A 212 -10.42 10.26 4.68
N VAL A 213 -10.05 11.02 5.72
CA VAL A 213 -8.82 11.78 5.88
C VAL A 213 -8.55 11.70 7.38
N GLY A 214 -7.28 11.77 7.74
CA GLY A 214 -6.79 11.64 9.12
C GLY A 214 -6.60 10.23 9.63
N ASP A 215 -6.56 9.25 8.74
CA ASP A 215 -6.31 7.88 9.16
C ASP A 215 -5.06 7.68 9.99
N GLY A 216 -4.02 8.47 9.73
CA GLY A 216 -2.78 8.35 10.53
C GLY A 216 -2.76 9.22 11.80
N GLY A 217 -3.89 9.83 12.15
CA GLY A 217 -3.93 10.74 13.36
C GLY A 217 -4.75 10.15 14.48
N THR A 218 -5.00 8.85 14.48
CA THR A 218 -5.96 8.37 15.43
C THR A 218 -5.32 8.31 16.83
N VAL A 219 -6.19 8.33 17.85
CA VAL A 219 -5.80 8.37 19.26
C VAL A 219 -4.99 7.12 19.59
N ASP A 220 -3.76 7.30 20.08
CA ASP A 220 -2.91 6.13 20.50
C ASP A 220 -2.64 5.17 19.31
N GLY A 221 -2.73 5.69 18.09
CA GLY A 221 -2.58 4.90 16.90
C GLY A 221 -3.58 3.75 16.84
N ILE A 222 -4.75 3.86 17.48
CA ILE A 222 -5.73 2.78 17.42
C ILE A 222 -6.37 2.78 16.01
N ASN A 223 -6.36 1.63 15.36
CA ASN A 223 -6.75 1.54 13.93
C ASN A 223 -8.26 1.78 13.84
N GLU A 224 -8.70 2.66 12.93
CA GLU A 224 -10.13 2.86 12.64
C GLU A 224 -10.76 3.73 13.73
N ASN A 225 -9.93 4.33 14.58
CA ASN A 225 -10.48 5.04 15.74
C ASN A 225 -10.71 6.53 15.48
N ASN A 226 -10.68 7.34 16.53
CA ASN A 226 -11.02 8.76 16.42
C ASN A 226 -9.73 9.60 16.30
N THR A 227 -9.77 10.57 15.40
CA THR A 227 -8.67 11.48 15.23
C THR A 227 -9.13 12.84 15.77
N ILE A 228 -8.53 13.26 16.88
CA ILE A 228 -8.98 14.49 17.62
C ILE A 228 -8.00 15.58 17.27
N ILE A 229 -8.40 16.57 16.46
CA ILE A 229 -7.47 17.57 15.98
C ILE A 229 -8.34 18.67 15.41
N ASN A 230 -8.04 19.94 15.71
CA ASN A 230 -8.83 21.04 15.08
C ASN A 230 -8.66 21.08 13.58
N ARG A 231 -9.61 21.74 12.91
CA ARG A 231 -9.59 21.82 11.45
C ARG A 231 -8.24 22.32 10.99
N GLU A 232 -7.62 23.27 11.71
CA GLU A 232 -6.31 23.75 11.26
C GLU A 232 -5.24 22.59 11.18
N GLY A 233 -5.19 21.73 12.20
CA GLY A 233 -4.26 20.60 12.24
C GLY A 233 -4.61 19.56 11.17
N LEU A 234 -5.90 19.31 10.98
CA LEU A 234 -6.35 18.41 9.91
C LEU A 234 -5.84 18.90 8.57
N MET A 235 -5.99 20.19 8.33
CA MET A 235 -5.64 20.75 7.06
C MET A 235 -4.15 20.90 6.89
N ASN A 236 -3.40 20.98 7.99
CA ASN A 236 -1.96 21.25 7.96
C ASN A 236 -1.14 19.96 7.88
N ILE A 237 -1.68 18.88 8.45
CA ILE A 237 -0.98 17.61 8.52
C ILE A 237 -1.60 16.55 7.61
N HIS A 238 -2.91 16.33 7.72
CA HIS A 238 -3.52 15.16 7.11
C HIS A 238 -4.09 15.33 5.73
N MET A 239 -4.47 16.57 5.40
CA MET A 239 -5.07 16.91 4.13
C MET A 239 -4.11 17.20 3.00
N PRO A 240 -2.95 17.86 3.24
CA PRO A 240 -2.26 18.43 2.06
C PRO A 240 -1.98 17.51 0.86
N ALA A 241 -1.53 16.29 1.13
CA ALA A 241 -1.22 15.32 0.05
C ALA A 241 -2.44 14.98 -0.84
N TYR A 242 -3.66 15.13 -0.30
CA TYR A 242 -4.87 14.96 -1.11
C TYR A 242 -4.94 15.99 -2.21
N LYS A 243 -4.41 17.19 -1.94
CA LYS A 243 -4.46 18.27 -2.94
C LYS A 243 -3.40 17.95 -4.02
N ASN A 244 -2.20 17.49 -3.61
CA ASN A 244 -1.21 16.99 -4.58
C ASN A 244 -1.79 15.84 -5.48
N ALA A 245 -2.54 14.95 -4.88
CA ALA A 245 -3.24 13.87 -5.61
C ALA A 245 -4.23 14.40 -6.64
N MET A 246 -5.02 15.40 -6.25
CA MET A 246 -5.93 16.12 -7.19
C MET A 246 -5.14 16.70 -8.34
N ASP A 247 -4.02 17.37 -8.05
CA ASP A 247 -3.19 17.97 -9.07
C ASP A 247 -2.61 16.96 -10.06
N LYS A 248 -2.37 15.72 -9.63
CA LYS A 248 -1.86 14.65 -10.48
C LYS A 248 -2.93 13.71 -10.99
N GLY A 249 -4.20 14.07 -10.83
CA GLY A 249 -5.27 13.37 -11.51
C GLY A 249 -5.65 12.01 -10.91
N VAL A 250 -5.53 11.85 -9.60
CA VAL A 250 -5.84 10.56 -8.96
C VAL A 250 -7.29 10.22 -9.30
N SER A 251 -7.55 9.00 -9.73
CA SER A 251 -8.86 8.67 -10.28
C SER A 251 -9.90 8.44 -9.23
N THR A 252 -9.50 7.87 -8.08
CA THR A 252 -10.43 7.60 -7.02
C THR A 252 -9.89 8.01 -5.67
N VAL A 253 -10.78 8.12 -4.71
CA VAL A 253 -10.37 8.36 -3.31
C VAL A 253 -11.16 7.40 -2.42
N MET A 254 -10.50 6.69 -1.54
CA MET A 254 -11.18 5.82 -0.59
C MET A 254 -11.33 6.54 0.76
N ILE A 255 -12.49 6.38 1.37
CA ILE A 255 -12.79 6.94 2.67
C ILE A 255 -12.25 6.08 3.82
N SER A 256 -11.82 6.77 4.88
CA SER A 256 -11.29 6.12 6.09
C SER A 256 -12.37 5.53 7.00
N TYR A 257 -12.08 4.39 7.60
CA TYR A 257 -12.85 3.90 8.76
C TYR A 257 -12.92 4.86 9.97
N SER A 258 -11.85 5.66 10.09
CA SER A 258 -11.63 6.57 11.21
C SER A 258 -12.64 7.70 11.23
N SER A 259 -12.69 8.31 12.40
CA SER A 259 -13.57 9.41 12.65
C SER A 259 -12.72 10.66 12.86
N TRP A 260 -13.32 11.82 12.61
CA TRP A 260 -12.69 13.09 12.90
C TRP A 260 -13.55 13.87 13.94
N ASN A 261 -12.95 14.14 15.09
CA ASN A 261 -13.66 14.70 16.27
C ASN A 261 -14.97 13.99 16.51
N GLY A 262 -14.97 12.67 16.42
CA GLY A 262 -16.18 11.92 16.70
C GLY A 262 -17.14 11.68 15.54
N VAL A 263 -16.85 12.26 14.36
CA VAL A 263 -17.74 12.10 13.20
C VAL A 263 -17.08 11.06 12.27
N LYS A 264 -17.80 9.99 12.02
CA LYS A 264 -17.39 8.93 11.07
C LYS A 264 -17.14 9.57 9.72
N MET A 265 -15.94 9.41 9.19
CA MET A 265 -15.66 9.83 7.81
C MET A 265 -16.65 9.33 6.78
N HIS A 266 -17.06 8.06 6.87
CA HIS A 266 -18.06 7.47 5.94
C HIS A 266 -19.45 8.12 6.07
N ALA A 267 -19.64 8.99 7.07
CA ALA A 267 -20.89 9.78 7.17
C ALA A 267 -20.68 11.26 7.10
N ASN A 268 -19.50 11.73 6.75
CA ASN A 268 -19.15 13.15 6.82
C ASN A 268 -19.36 13.91 5.52
N GLN A 269 -20.55 14.47 5.38
CA GLN A 269 -20.90 15.18 4.18
C GLN A 269 -20.03 16.42 4.04
N ASP A 270 -19.76 17.14 5.14
CA ASP A 270 -18.93 18.34 5.08
C ASP A 270 -17.56 18.10 4.43
N LEU A 271 -16.89 17.01 4.80
CA LEU A 271 -15.57 16.71 4.25
C LEU A 271 -15.60 16.00 2.89
N VAL A 272 -16.48 15.01 2.76
CA VAL A 272 -16.57 14.28 1.48
C VAL A 272 -17.17 15.14 0.39
N THR A 273 -18.32 15.78 0.65
CA THR A 273 -18.94 16.56 -0.44
C THR A 273 -18.43 17.99 -0.35
N GLY A 274 -18.48 18.56 0.84
CA GLY A 274 -18.15 20.02 0.99
C GLY A 274 -16.68 20.29 0.66
N TYR A 275 -15.76 19.45 1.15
CA TYR A 275 -14.37 19.70 0.95
C TYR A 275 -13.78 18.96 -0.32
N LEU A 276 -13.81 17.65 -0.28
CA LEU A 276 -13.17 16.89 -1.37
C LEU A 276 -13.81 17.18 -2.72
N LYS A 277 -15.13 17.01 -2.83
CA LYS A 277 -15.79 17.31 -4.09
C LYS A 277 -15.96 18.81 -4.42
N ASP A 278 -16.53 19.60 -3.51
CA ASP A 278 -16.88 20.99 -3.81
C ASP A 278 -15.71 21.93 -3.69
N THR A 279 -14.70 21.66 -2.84
CA THR A 279 -13.59 22.64 -2.65
C THR A 279 -12.34 22.19 -3.43
N LEU A 280 -11.93 20.92 -3.28
CA LEU A 280 -10.84 20.42 -4.10
C LEU A 280 -11.24 20.11 -5.53
N LYS A 281 -12.54 20.16 -5.83
CA LYS A 281 -13.04 19.90 -7.16
C LYS A 281 -12.73 18.48 -7.68
N PHE A 282 -12.69 17.53 -6.76
CA PHE A 282 -12.50 16.12 -7.18
C PHE A 282 -13.67 15.67 -8.05
N LYS A 283 -13.35 15.12 -9.21
CA LYS A 283 -14.33 14.67 -10.19
C LYS A 283 -14.23 13.20 -10.54
N GLY A 284 -13.36 12.47 -9.86
CA GLY A 284 -13.34 11.04 -9.95
C GLY A 284 -14.36 10.43 -9.03
N PHE A 285 -14.22 9.16 -8.70
CA PHE A 285 -15.20 8.55 -7.77
C PHE A 285 -14.63 8.32 -6.39
N VAL A 286 -15.51 8.49 -5.40
CA VAL A 286 -15.28 8.19 -4.00
C VAL A 286 -15.79 6.82 -3.60
N ILE A 287 -14.87 5.99 -3.08
CA ILE A 287 -15.18 4.64 -2.72
C ILE A 287 -15.13 4.46 -1.21
N SER A 288 -16.02 3.60 -0.67
CA SER A 288 -15.95 3.24 0.72
C SER A 288 -14.74 2.32 0.97
N ASP A 289 -14.41 2.15 2.24
CA ASP A 289 -13.57 1.03 2.66
C ASP A 289 -14.45 -0.19 2.87
N TRP A 290 -13.80 -1.30 3.16
CA TRP A 290 -14.41 -2.64 3.22
C TRP A 290 -15.38 -2.62 4.39
N GLU A 291 -16.67 -2.75 4.10
CA GLU A 291 -17.73 -2.63 5.16
C GLU A 291 -17.63 -1.35 5.95
N GLY A 292 -17.07 -0.35 5.29
CA GLY A 292 -16.91 0.96 5.89
C GLY A 292 -18.26 1.58 6.26
N ILE A 293 -19.29 1.37 5.43
CA ILE A 293 -20.59 1.98 5.81
C ILE A 293 -21.24 1.26 7.01
N ASP A 294 -21.03 -0.04 7.13
CA ASP A 294 -21.47 -0.88 8.22
C ASP A 294 -20.95 -0.36 9.53
N ARG A 295 -19.70 0.06 9.48
CA ARG A 295 -19.01 0.54 10.67
C ARG A 295 -19.34 1.96 11.10
N ILE A 296 -20.25 2.64 10.39
CA ILE A 296 -20.81 3.94 10.83
C ILE A 296 -21.51 3.77 12.17
N THR A 297 -22.20 2.66 12.33
CA THR A 297 -23.00 2.46 13.52
C THR A 297 -22.18 1.67 14.50
N THR A 298 -22.61 1.68 15.76
CA THR A 298 -22.09 0.67 16.68
C THR A 298 -23.26 0.01 17.43
N PRO A 299 -23.26 -1.31 17.49
CA PRO A 299 -22.32 -2.12 16.75
C PRO A 299 -22.39 -1.95 15.21
N ALA A 300 -21.32 -2.36 14.55
CA ALA A 300 -21.30 -2.33 13.11
C ALA A 300 -22.39 -3.22 12.59
N GLY A 301 -22.99 -2.81 11.48
CA GLY A 301 -24.01 -3.57 10.83
C GLY A 301 -25.39 -3.53 11.48
N SER A 302 -25.52 -2.84 12.60
CA SER A 302 -26.74 -2.84 13.36
C SER A 302 -27.83 -1.98 12.77
N ASP A 303 -27.53 -1.10 11.81
CA ASP A 303 -28.62 -0.42 11.15
C ASP A 303 -28.23 -0.14 9.75
N TYR A 304 -28.26 -1.18 8.93
CA TYR A 304 -27.68 -1.07 7.58
C TYR A 304 -28.42 -0.08 6.75
N SER A 305 -29.70 0.07 7.01
CA SER A 305 -30.48 1.13 6.35
C SER A 305 -29.94 2.54 6.56
N TYR A 306 -29.60 2.83 7.80
CA TYR A 306 -28.98 4.10 8.12
C TYR A 306 -27.55 4.17 7.50
N SER A 307 -26.81 3.09 7.57
CA SER A 307 -25.44 3.02 6.92
C SER A 307 -25.52 3.49 5.46
N VAL A 308 -26.52 3.01 4.75
CA VAL A 308 -26.67 3.31 3.28
C VAL A 308 -27.11 4.73 3.09
N LYS A 309 -28.09 5.18 3.88
CA LYS A 309 -28.50 6.56 3.79
C LYS A 309 -27.39 7.55 4.11
N ALA A 310 -26.75 7.35 5.24
CA ALA A 310 -25.75 8.28 5.70
C ALA A 310 -24.57 8.39 4.75
N SER A 311 -24.12 7.24 4.26
CA SER A 311 -22.93 7.20 3.36
C SER A 311 -23.19 7.83 2.00
N ILE A 312 -24.30 7.47 1.38
CA ILE A 312 -24.63 7.97 0.10
C ILE A 312 -24.99 9.48 0.20
N LEU A 313 -25.73 9.92 1.23
CA LEU A 313 -25.97 11.35 1.39
C LEU A 313 -24.67 12.11 1.68
N ALA A 314 -23.73 11.51 2.39
CA ALA A 314 -22.43 12.15 2.61
C ALA A 314 -21.64 12.41 1.35
N GLY A 315 -21.92 11.63 0.29
CA GLY A 315 -21.23 11.82 -0.97
C GLY A 315 -20.44 10.63 -1.56
N LEU A 316 -20.51 9.45 -0.96
CA LEU A 316 -19.79 8.31 -1.40
C LEU A 316 -20.43 7.91 -2.71
N ASP A 317 -19.61 7.43 -3.65
CA ASP A 317 -20.14 7.05 -4.96
C ASP A 317 -20.21 5.57 -5.19
N MET A 318 -19.16 4.85 -4.79
CA MET A 318 -19.11 3.41 -4.92
C MET A 318 -18.93 2.79 -3.54
N ILE A 319 -19.69 1.74 -3.30
CA ILE A 319 -19.65 1.04 -2.02
C ILE A 319 -18.97 -0.32 -2.19
N MET A 320 -17.90 -0.47 -1.41
CA MET A 320 -17.19 -1.74 -1.23
C MET A 320 -17.98 -2.55 -0.23
N VAL A 321 -18.93 -3.33 -0.76
CA VAL A 321 -19.96 -3.92 0.08
C VAL A 321 -19.40 -4.78 1.19
N PRO A 322 -18.63 -5.83 0.87
CA PRO A 322 -18.32 -6.35 -0.46
C PRO A 322 -19.08 -7.64 -0.70
N ASN A 323 -19.80 -8.15 0.32
CA ASN A 323 -20.48 -9.46 0.24
C ASN A 323 -21.96 -9.43 0.08
N LYS A 324 -22.63 -8.66 0.94
CA LYS A 324 -24.08 -8.55 0.98
C LYS A 324 -24.64 -7.58 -0.01
N TYR A 325 -24.42 -7.86 -1.30
CA TYR A 325 -24.86 -6.94 -2.33
C TYR A 325 -26.38 -6.88 -2.47
N GLN A 326 -27.06 -7.99 -2.26
CA GLN A 326 -28.52 -8.01 -2.50
C GLN A 326 -29.16 -7.01 -1.49
N GLN A 327 -28.73 -7.10 -0.24
CA GLN A 327 -29.17 -6.17 0.81
C GLN A 327 -28.84 -4.68 0.53
N PHE A 328 -27.60 -4.41 0.11
CA PHE A 328 -27.22 -3.05 -0.28
C PHE A 328 -28.09 -2.54 -1.37
N ILE A 329 -28.21 -3.30 -2.44
CA ILE A 329 -28.98 -2.84 -3.59
C ILE A 329 -30.48 -2.63 -3.23
N SER A 330 -31.03 -3.54 -2.44
CA SER A 330 -32.44 -3.50 -2.09
C SER A 330 -32.68 -2.26 -1.24
N ILE A 331 -31.79 -2.01 -0.28
CA ILE A 331 -31.96 -0.88 0.65
C ILE A 331 -31.78 0.45 -0.06
N LEU A 332 -30.76 0.54 -0.93
CA LEU A 332 -30.58 1.79 -1.63
C LEU A 332 -31.72 2.05 -2.60
N THR A 333 -32.18 1.03 -3.33
CA THR A 333 -33.36 1.19 -4.17
C THR A 333 -34.61 1.71 -3.39
N GLY A 334 -34.90 1.11 -2.24
CA GLY A 334 -35.98 1.61 -1.31
C GLY A 334 -35.81 3.10 -0.98
N HIS A 335 -34.61 3.51 -0.61
CA HIS A 335 -34.36 4.90 -0.24
C HIS A 335 -34.64 5.80 -1.45
N VAL A 336 -34.22 5.38 -2.65
CA VAL A 336 -34.46 6.26 -3.80
C VAL A 336 -35.99 6.25 -4.06
N ASN A 337 -36.62 5.09 -3.96
CA ASN A 337 -38.05 4.95 -4.24
C ASN A 337 -38.85 5.78 -3.23
N GLY A 338 -38.40 5.97 -2.00
CA GLY A 338 -39.16 6.77 -1.07
C GLY A 338 -38.71 8.21 -0.96
N GLY A 339 -37.87 8.68 -1.86
CA GLY A 339 -37.40 10.05 -1.81
C GLY A 339 -36.41 10.45 -0.75
N VAL A 340 -35.86 9.48 -0.03
CA VAL A 340 -34.92 9.78 1.04
C VAL A 340 -33.55 10.18 0.47
N ILE A 341 -33.28 9.63 -0.73
CA ILE A 341 -32.05 9.88 -1.48
C ILE A 341 -32.51 10.31 -2.85
N PRO A 342 -32.17 11.54 -3.24
CA PRO A 342 -32.68 12.05 -4.48
C PRO A 342 -31.92 11.46 -5.69
N MET A 343 -32.57 11.46 -6.83
CA MET A 343 -31.97 10.96 -8.03
C MET A 343 -30.72 11.71 -8.40
N SER A 344 -30.63 13.03 -8.10
CA SER A 344 -29.48 13.82 -8.38
C SER A 344 -28.16 13.23 -7.76
N ARG A 345 -28.28 12.65 -6.57
CA ARG A 345 -27.15 12.03 -5.83
C ARG A 345 -26.73 10.72 -6.53
N ILE A 346 -27.69 9.87 -6.90
CA ILE A 346 -27.42 8.68 -7.69
C ILE A 346 -26.71 9.03 -9.01
N ASP A 347 -27.18 10.05 -9.67
CA ASP A 347 -26.75 10.39 -11.03
C ASP A 347 -25.33 10.99 -10.88
N ASP A 348 -25.05 11.63 -9.75
CA ASP A 348 -23.71 12.19 -9.51
C ASP A 348 -22.71 11.03 -9.30
N ALA A 349 -23.11 10.02 -8.52
CA ALA A 349 -22.20 8.92 -8.21
C ALA A 349 -21.91 8.15 -9.48
N VAL A 350 -22.92 7.88 -10.26
CA VAL A 350 -22.80 7.15 -11.50
C VAL A 350 -22.05 7.97 -12.56
N THR A 351 -22.27 9.29 -12.60
CA THR A 351 -21.46 10.18 -13.48
C THR A 351 -19.98 10.00 -13.18
N ARG A 352 -19.64 9.98 -11.91
CA ARG A 352 -18.25 9.90 -11.50
C ARG A 352 -17.61 8.53 -11.85
N ILE A 353 -18.37 7.44 -11.61
CA ILE A 353 -17.92 6.13 -11.88
C ILE A 353 -17.67 5.94 -13.36
N LEU A 354 -18.66 6.28 -14.19
CA LEU A 354 -18.53 6.21 -15.62
C LEU A 354 -17.45 7.16 -16.11
N ARG A 355 -17.32 8.37 -15.55
CA ARG A 355 -16.23 9.24 -15.96
C ARG A 355 -14.90 8.50 -15.85
N VAL A 356 -14.67 7.84 -14.72
CA VAL A 356 -13.37 7.19 -14.55
C VAL A 356 -13.21 6.06 -15.55
N LYS A 357 -14.28 5.26 -15.75
CA LYS A 357 -14.20 4.07 -16.68
C LYS A 357 -13.96 4.52 -18.13
N PHE A 358 -14.66 5.56 -18.56
CA PHE A 358 -14.46 6.06 -19.91
C PHE A 358 -13.06 6.71 -20.05
N THR A 359 -12.70 7.53 -19.10
CA THR A 359 -11.40 8.19 -19.19
C THR A 359 -10.25 7.19 -19.32
N MET A 360 -10.29 6.09 -18.58
CA MET A 360 -9.16 5.21 -18.46
C MET A 360 -9.10 4.24 -19.64
N GLY A 361 -10.06 4.34 -20.54
CA GLY A 361 -10.19 3.44 -21.68
C GLY A 361 -10.85 2.12 -21.48
N LEU A 362 -11.57 1.92 -20.37
CA LEU A 362 -12.08 0.65 -20.03
C LEU A 362 -13.16 0.17 -21.05
N PHE A 363 -13.91 1.10 -21.66
CA PHE A 363 -14.89 0.67 -22.67
C PHE A 363 -14.19 0.25 -23.93
N GLU A 364 -12.99 0.74 -24.16
CA GLU A 364 -12.26 0.32 -25.34
C GLU A 364 -11.41 -0.90 -25.12
N ASN A 365 -10.95 -1.16 -23.91
CA ASN A 365 -10.17 -2.36 -23.63
C ASN A 365 -10.65 -2.99 -22.33
N PRO A 366 -11.83 -3.64 -22.38
CA PRO A 366 -12.39 -4.19 -21.18
C PRO A 366 -11.72 -5.46 -20.77
N TYR A 367 -10.98 -6.05 -21.70
CA TYR A 367 -10.35 -7.37 -21.45
C TYR A 367 -8.84 -7.34 -21.27
N ALA A 368 -8.32 -8.38 -20.65
CA ALA A 368 -6.88 -8.48 -20.39
C ALA A 368 -6.08 -8.67 -21.66
N ASP A 369 -4.81 -8.24 -21.60
CA ASP A 369 -3.86 -8.46 -22.64
C ASP A 369 -2.89 -9.59 -22.33
N PRO A 370 -2.98 -10.69 -23.07
CA PRO A 370 -2.22 -11.79 -22.59
C PRO A 370 -0.74 -11.59 -22.79
N ALA A 371 -0.33 -10.65 -23.61
CA ALA A 371 1.10 -10.41 -23.79
C ALA A 371 1.66 -9.70 -22.60
N MET A 372 0.80 -9.30 -21.66
CA MET A 372 1.30 -8.55 -20.51
C MET A 372 1.65 -9.53 -19.40
N ALA A 373 1.25 -10.81 -19.53
CA ALA A 373 1.41 -11.73 -18.45
C ALA A 373 2.86 -11.82 -17.94
N GLU A 374 3.80 -11.79 -18.87
CA GLU A 374 5.20 -11.87 -18.64
C GLU A 374 5.85 -10.69 -17.95
N GLN A 375 5.13 -9.60 -17.76
CA GLN A 375 5.57 -8.52 -16.92
C GLN A 375 5.69 -8.87 -15.45
N LEU A 376 4.89 -9.85 -14.99
CA LEU A 376 4.93 -10.31 -13.61
C LEU A 376 6.30 -10.77 -13.19
N GLY A 377 6.81 -10.15 -12.14
CA GLY A 377 8.09 -10.51 -11.59
C GLY A 377 9.26 -10.29 -12.54
N LYS A 378 9.14 -9.40 -13.53
CA LYS A 378 10.20 -9.18 -14.55
C LYS A 378 11.47 -8.72 -13.84
N GLN A 379 12.62 -9.15 -14.30
CA GLN A 379 13.90 -8.87 -13.68
C GLN A 379 14.17 -7.36 -13.63
N GLU A 380 13.74 -6.58 -14.61
CA GLU A 380 13.94 -5.14 -14.56
C GLU A 380 13.24 -4.52 -13.30
N HIS A 381 12.08 -5.09 -12.97
CA HIS A 381 11.29 -4.63 -11.83
C HIS A 381 11.96 -5.08 -10.53
N ARG A 382 12.46 -6.31 -10.51
CA ARG A 382 13.21 -6.78 -9.34
C ARG A 382 14.48 -5.91 -9.14
N ASP A 383 15.21 -5.60 -10.22
CA ASP A 383 16.31 -4.67 -10.12
C ASP A 383 15.92 -3.30 -9.48
N LEU A 384 14.75 -2.77 -9.89
CA LEU A 384 14.18 -1.56 -9.29
C LEU A 384 13.86 -1.76 -7.80
N ALA A 385 13.25 -2.87 -7.44
CA ALA A 385 12.91 -3.07 -6.07
C ALA A 385 14.20 -3.16 -5.29
N ARG A 386 15.21 -3.81 -5.87
CA ARG A 386 16.52 -3.98 -5.21
C ARG A 386 17.19 -2.63 -4.93
N GLU A 387 17.06 -1.71 -5.88
CA GLU A 387 17.53 -0.29 -5.77
C GLU A 387 16.76 0.37 -4.64
N ALA A 388 15.43 0.17 -4.59
CA ALA A 388 14.61 0.83 -3.58
C ALA A 388 14.94 0.31 -2.18
N ALA A 389 15.09 -1.00 -2.07
CA ALA A 389 15.42 -1.63 -0.82
C ALA A 389 16.72 -1.05 -0.29
N ARG A 390 17.76 -1.03 -1.13
CA ARG A 390 19.05 -0.47 -0.73
C ARG A 390 18.91 1.00 -0.29
N LYS A 391 18.17 1.82 -1.03
CA LYS A 391 18.06 3.24 -0.69
C LYS A 391 17.25 3.49 0.55
N SER A 392 16.44 2.49 0.94
CA SER A 392 15.53 2.65 2.09
C SER A 392 16.27 2.43 3.41
N LEU A 393 17.38 1.72 3.38
CA LEU A 393 18.09 1.28 4.63
C LEU A 393 18.62 2.50 5.34
N VAL A 394 18.35 2.61 6.64
CA VAL A 394 18.94 3.70 7.43
C VAL A 394 20.01 3.10 8.37
N LEU A 395 21.26 3.51 8.21
CA LEU A 395 22.32 3.08 9.06
C LEU A 395 22.26 3.91 10.31
N LEU A 396 22.00 3.26 11.42
CA LEU A 396 21.89 3.89 12.71
C LEU A 396 23.16 3.91 13.56
N LYS A 397 24.04 2.93 13.41
CA LYS A 397 25.27 2.83 14.20
C LYS A 397 26.20 2.12 13.29
N ASN A 398 27.45 2.54 13.26
CA ASN A 398 28.49 1.81 12.52
C ASN A 398 29.80 1.93 13.31
N GLY A 399 29.92 1.19 14.41
CA GLY A 399 31.01 1.30 15.37
C GLY A 399 30.51 1.61 16.77
N LYS A 400 30.97 0.85 17.77
CA LYS A 400 30.57 1.07 19.16
C LYS A 400 31.22 2.28 19.76
N THR A 401 32.40 2.64 19.31
CA THR A 401 32.97 3.84 19.81
C THR A 401 33.36 4.60 18.57
N SER A 402 33.63 5.85 18.78
CA SER A 402 34.08 6.73 17.73
C SER A 402 35.48 6.37 17.27
N THR A 403 36.18 5.54 18.01
CA THR A 403 37.51 5.21 17.67
C THR A 403 37.68 3.79 16.99
N ASP A 404 36.62 3.01 17.01
CA ASP A 404 36.59 1.71 16.37
C ASP A 404 36.68 1.83 14.84
N ALA A 405 37.31 0.86 14.21
CA ALA A 405 37.24 0.73 12.75
C ALA A 405 35.74 0.56 12.37
N PRO A 406 35.26 1.31 11.39
CA PRO A 406 33.86 1.07 11.02
C PRO A 406 33.62 -0.37 10.50
N LEU A 407 32.63 -1.06 11.05
CA LEU A 407 32.33 -2.44 10.60
C LEU A 407 31.86 -2.48 9.13
N LEU A 408 30.95 -1.59 8.77
CA LEU A 408 30.46 -1.50 7.40
C LEU A 408 31.16 -0.44 6.58
N PRO A 409 31.49 -0.77 5.32
CA PRO A 409 31.13 -2.04 4.62
C PRO A 409 32.02 -3.24 4.95
N LEU A 410 31.36 -4.38 4.96
CA LEU A 410 32.01 -5.63 5.24
C LEU A 410 32.75 -6.12 4.00
N PRO A 411 33.84 -6.87 4.21
CA PRO A 411 34.57 -7.47 3.09
C PRO A 411 33.83 -8.72 2.56
N LYS A 412 33.79 -8.87 1.24
CA LYS A 412 33.20 -10.06 0.60
C LYS A 412 34.04 -11.32 0.68
N LYS A 413 35.32 -11.17 0.97
CA LYS A 413 36.20 -12.31 1.14
C LYS A 413 36.60 -12.37 2.61
N ALA A 414 36.35 -13.51 3.21
CA ALA A 414 36.72 -13.82 4.56
C ALA A 414 36.62 -15.34 4.69
N PRO A 415 37.40 -15.93 5.61
CA PRO A 415 37.39 -17.37 5.56
C PRO A 415 36.02 -17.96 5.91
N LYS A 416 35.38 -17.36 6.92
CA LYS A 416 34.15 -17.91 7.40
C LYS A 416 33.33 -16.82 8.01
N ILE A 417 32.02 -16.77 7.67
CA ILE A 417 31.13 -15.78 8.21
C ILE A 417 29.84 -16.46 8.72
N LEU A 418 29.17 -15.81 9.67
CA LEU A 418 27.91 -16.27 10.22
C LEU A 418 26.76 -15.37 9.79
N VAL A 419 25.70 -16.01 9.32
CA VAL A 419 24.42 -15.34 9.12
C VAL A 419 23.44 -15.93 10.09
N ALA A 420 22.78 -15.07 10.85
CA ALA A 420 21.90 -15.57 11.93
C ALA A 420 20.67 -14.73 12.07
N GLY A 421 19.74 -15.26 12.83
CA GLY A 421 18.55 -14.57 13.21
C GLY A 421 17.29 -15.13 12.54
N SER A 422 16.15 -14.95 13.22
CA SER A 422 14.84 -15.30 12.71
C SER A 422 14.48 -14.64 11.36
N HIS A 423 15.11 -13.53 11.03
CA HIS A 423 14.73 -12.81 9.79
C HIS A 423 15.81 -12.86 8.70
N ALA A 424 16.89 -13.64 8.91
CA ALA A 424 17.92 -13.80 7.91
C ALA A 424 17.53 -14.65 6.72
N ASP A 425 16.67 -15.63 6.90
CA ASP A 425 16.28 -16.49 5.83
C ASP A 425 14.80 -16.73 5.92
N ASN A 426 14.02 -15.69 5.77
CA ASN A 426 12.54 -15.76 5.88
C ASN A 426 11.96 -14.62 4.99
N LEU A 427 11.60 -15.01 3.79
CA LEU A 427 11.13 -14.09 2.76
C LEU A 427 9.85 -13.41 3.23
N GLY A 428 8.98 -14.20 3.79
CA GLY A 428 7.69 -13.68 4.32
C GLY A 428 7.95 -12.55 5.33
N TYR A 429 8.84 -12.80 6.29
CA TYR A 429 9.12 -11.76 7.31
C TYR A 429 9.73 -10.51 6.68
N GLN A 430 10.54 -10.69 5.66
CA GLN A 430 11.16 -9.51 5.10
C GLN A 430 10.21 -8.69 4.20
N CYS A 431 9.10 -9.28 3.76
CA CYS A 431 8.07 -8.60 3.02
C CYS A 431 6.99 -7.94 3.92
N GLY A 432 6.74 -8.53 5.07
CA GLY A 432 5.69 -7.99 5.98
C GLY A 432 4.26 -8.16 5.46
N GLY A 433 3.35 -7.39 6.03
CA GLY A 433 1.94 -7.49 5.68
C GLY A 433 1.66 -7.20 4.21
N TRP A 434 0.45 -7.50 3.80
CA TRP A 434 -0.01 -7.37 2.42
C TRP A 434 0.98 -8.01 1.49
N THR A 435 1.33 -9.25 1.78
CA THR A 435 2.15 -10.04 0.85
C THR A 435 1.57 -11.47 0.87
N ILE A 436 0.98 -11.84 -0.27
CA ILE A 436 0.34 -13.12 -0.54
C ILE A 436 -0.94 -13.26 0.27
N GLU A 437 -0.83 -13.16 1.58
CA GLU A 437 -1.99 -13.07 2.44
C GLU A 437 -2.12 -11.63 2.90
N TYR A 438 -3.32 -11.32 3.33
CA TYR A 438 -3.59 -10.06 3.98
C TYR A 438 -2.60 -9.68 5.09
N GLN A 439 -2.41 -10.60 6.07
CA GLN A 439 -1.56 -10.39 7.25
C GLN A 439 -0.06 -10.68 6.97
N GLY A 440 0.25 -10.93 5.72
CA GLY A 440 1.48 -11.57 5.33
C GLY A 440 1.62 -12.94 5.92
N ASP A 441 2.83 -13.49 5.93
CA ASP A 441 2.98 -14.90 6.26
C ASP A 441 4.45 -15.14 6.53
N THR A 442 4.80 -16.38 6.86
CA THR A 442 6.16 -16.77 7.18
C THR A 442 6.72 -17.73 6.13
N GLY A 443 8.00 -17.60 5.87
CA GLY A 443 8.72 -18.55 5.02
C GLY A 443 8.66 -18.16 3.54
N ARG A 444 8.78 -19.16 2.67
CA ARG A 444 9.06 -18.92 1.29
C ARG A 444 7.71 -18.81 0.55
N THR A 445 7.03 -17.68 0.72
CA THR A 445 5.67 -17.48 0.27
C THR A 445 5.55 -17.06 -1.21
N THR A 446 6.69 -16.64 -1.82
CA THR A 446 6.67 -16.16 -3.19
C THR A 446 8.10 -16.26 -3.72
N VAL A 447 8.38 -15.67 -4.88
CA VAL A 447 9.69 -15.74 -5.47
C VAL A 447 10.50 -14.51 -4.97
N GLY A 448 11.68 -14.75 -4.47
CA GLY A 448 12.51 -13.64 -3.99
C GLY A 448 13.82 -14.18 -3.47
N THR A 449 14.55 -13.31 -2.79
CA THR A 449 15.90 -13.59 -2.32
C THR A 449 15.96 -13.17 -0.87
N THR A 450 16.20 -14.11 0.05
CA THR A 450 16.28 -13.77 1.46
C THR A 450 17.62 -13.13 1.76
N ILE A 451 17.85 -12.67 2.97
CA ILE A 451 19.12 -12.01 3.30
C ILE A 451 20.20 -13.05 3.23
N LEU A 452 19.92 -14.25 3.70
CA LEU A 452 20.92 -15.33 3.61
C LEU A 452 21.32 -15.63 2.14
N GLU A 453 20.31 -15.77 1.29
CA GLU A 453 20.53 -15.99 -0.17
C GLU A 453 21.35 -14.88 -0.81
N ALA A 454 21.07 -13.65 -0.42
CA ALA A 454 21.78 -12.50 -0.91
C ALA A 454 23.22 -12.46 -0.46
N VAL A 455 23.47 -12.85 0.79
CA VAL A 455 24.86 -12.97 1.27
C VAL A 455 25.61 -14.02 0.48
N LYS A 456 25.00 -15.20 0.28
CA LYS A 456 25.67 -16.23 -0.48
C LYS A 456 25.94 -15.82 -1.95
N ALA A 457 25.07 -15.01 -2.53
CA ALA A 457 25.24 -14.51 -3.91
C ALA A 457 26.25 -13.40 -4.04
N ALA A 458 26.54 -12.75 -2.92
CA ALA A 458 27.43 -11.61 -2.91
C ALA A 458 28.88 -11.96 -2.62
N VAL A 459 29.12 -12.90 -1.69
CA VAL A 459 30.48 -13.17 -1.26
C VAL A 459 31.39 -13.90 -2.28
N ASP A 460 32.70 -13.74 -2.03
CA ASP A 460 33.76 -14.40 -2.75
C ASP A 460 33.51 -15.88 -2.63
N PRO A 461 33.92 -16.64 -3.67
CA PRO A 461 33.69 -18.07 -3.61
C PRO A 461 34.43 -18.78 -2.48
N SER A 462 35.52 -18.17 -2.04
CA SER A 462 36.30 -18.74 -0.94
C SER A 462 35.69 -18.46 0.43
N THR A 463 34.70 -17.56 0.51
CA THR A 463 34.06 -17.29 1.76
C THR A 463 33.05 -18.38 2.14
N VAL A 464 33.24 -19.02 3.30
CA VAL A 464 32.31 -20.03 3.79
C VAL A 464 31.22 -19.33 4.57
N VAL A 465 29.96 -19.58 4.23
CA VAL A 465 28.83 -18.87 4.86
C VAL A 465 28.12 -19.88 5.74
N VAL A 466 28.08 -19.67 7.05
CA VAL A 466 27.35 -20.57 7.91
C VAL A 466 26.03 -19.91 8.30
N PHE A 467 24.94 -20.65 8.24
CA PHE A 467 23.64 -20.16 8.75
C PHE A 467 23.30 -20.85 10.08
N ALA A 468 22.92 -20.10 11.08
CA ALA A 468 22.28 -20.64 12.24
C ALA A 468 21.23 -19.64 12.69
N GLU A 469 20.00 -20.09 12.87
CA GLU A 469 18.92 -19.20 13.13
C GLU A 469 19.02 -18.53 14.50
N ASN A 470 19.37 -19.32 15.52
CA ASN A 470 19.39 -18.83 16.87
C ASN A 470 20.59 -19.50 17.59
N PRO A 471 21.81 -19.19 17.15
CA PRO A 471 22.95 -19.83 17.77
C PRO A 471 23.19 -19.39 19.21
N ASP A 472 23.74 -20.26 20.03
CA ASP A 472 24.17 -19.80 21.35
C ASP A 472 25.56 -19.18 21.35
N ALA A 473 25.93 -18.62 22.50
CA ALA A 473 27.15 -17.83 22.62
C ALA A 473 28.35 -18.69 22.31
N GLU A 474 28.33 -19.95 22.74
CA GLU A 474 29.48 -20.84 22.52
C GLU A 474 29.67 -21.21 21.08
N PHE A 475 28.57 -21.47 20.39
CA PHE A 475 28.61 -21.74 18.97
C PHE A 475 29.34 -20.62 18.21
N VAL A 476 28.98 -19.39 18.51
CA VAL A 476 29.62 -18.24 17.89
C VAL A 476 31.08 -18.12 18.23
N LYS A 477 31.41 -18.27 19.49
CA LYS A 477 32.82 -18.07 19.93
C LYS A 477 33.75 -19.11 19.38
N SER A 478 33.21 -20.30 19.19
CA SER A 478 33.95 -21.46 18.71
C SER A 478 33.98 -21.58 17.20
N GLY A 479 33.22 -20.75 16.49
CA GLY A 479 33.05 -20.91 15.09
C GLY A 479 34.10 -20.44 14.14
N GLY A 480 35.06 -19.64 14.60
CA GLY A 480 36.06 -19.17 13.67
C GLY A 480 35.53 -18.14 12.65
N PHE A 481 34.55 -17.35 13.07
CA PHE A 481 33.89 -16.38 12.17
C PHE A 481 34.61 -15.08 12.07
N SER A 482 34.66 -14.47 10.89
CA SER A 482 35.23 -13.13 10.73
C SER A 482 34.31 -12.06 11.22
N TYR A 483 32.99 -12.30 11.08
CA TYR A 483 31.95 -11.34 11.41
C TYR A 483 30.62 -12.06 11.26
N ALA A 484 29.58 -11.46 11.77
CA ALA A 484 28.25 -12.01 11.63
C ALA A 484 27.33 -10.94 11.08
N ILE A 485 26.34 -11.39 10.33
CA ILE A 485 25.19 -10.59 9.97
C ILE A 485 23.99 -11.22 10.65
N VAL A 486 23.28 -10.44 11.48
CA VAL A 486 22.18 -10.99 12.23
C VAL A 486 20.93 -10.17 11.96
N ALA A 487 19.85 -10.86 11.58
CA ALA A 487 18.64 -10.17 11.16
C ALA A 487 17.48 -10.60 12.04
N VAL A 488 16.77 -9.62 12.60
CA VAL A 488 15.69 -9.87 13.57
C VAL A 488 14.67 -8.77 13.38
N GLY A 489 13.54 -8.91 14.02
CA GLY A 489 12.54 -7.87 14.04
C GLY A 489 11.11 -8.29 14.19
N GLU A 490 10.23 -7.49 13.63
CA GLU A 490 8.79 -7.72 13.77
C GLU A 490 8.31 -8.82 12.87
N HIS A 491 7.24 -9.46 13.26
CA HIS A 491 6.52 -10.39 12.43
C HIS A 491 5.55 -9.64 11.53
N PRO A 492 5.09 -10.29 10.50
CA PRO A 492 4.18 -9.56 9.62
C PRO A 492 2.86 -9.24 10.28
N TYR A 493 2.32 -8.08 9.99
CA TYR A 493 1.03 -7.70 10.45
C TYR A 493 0.39 -6.71 9.53
N THR A 494 -0.92 -6.64 9.65
CA THR A 494 -1.68 -5.69 8.87
C THR A 494 -2.83 -5.11 9.74
N GLU A 495 -3.13 -3.84 9.56
CA GLU A 495 -4.35 -3.26 10.12
C GLU A 495 -4.34 -3.48 11.65
C GLU A 495 -4.34 -3.45 11.65
N THR A 496 -5.51 -3.66 12.28
CA THR A 496 -5.60 -3.67 13.75
C THR A 496 -4.75 -4.72 14.42
N LYS A 497 -4.50 -5.83 13.71
CA LYS A 497 -3.62 -6.81 14.26
C LYS A 497 -2.20 -6.22 14.55
N GLY A 498 -1.84 -5.14 13.89
CA GLY A 498 -0.54 -4.58 14.18
C GLY A 498 -0.52 -3.47 15.19
N ASP A 499 -1.69 -3.07 15.64
CA ASP A 499 -1.74 -2.05 16.68
C ASP A 499 -0.96 -2.69 17.85
N ASN A 500 -0.01 -1.95 18.41
CA ASN A 500 0.91 -2.48 19.38
C ASN A 500 1.34 -1.34 20.33
N LEU A 501 1.03 -1.50 21.61
CA LEU A 501 1.32 -0.45 22.59
C LEU A 501 2.75 -0.48 23.15
N ASN A 502 3.47 -1.57 22.92
CA ASN A 502 4.80 -1.72 23.53
C ASN A 502 5.94 -1.73 22.54
N LEU A 503 5.68 -2.08 21.28
CA LEU A 503 6.71 -1.91 20.23
C LEU A 503 8.08 -2.52 20.59
N THR A 504 8.06 -3.69 21.20
CA THR A 504 9.26 -4.42 21.48
C THR A 504 9.23 -5.64 20.55
N ILE A 505 10.35 -5.93 19.91
CA ILE A 505 10.35 -7.06 18.98
C ILE A 505 10.23 -8.40 19.70
N PRO A 506 9.67 -9.40 19.03
CA PRO A 506 9.52 -10.70 19.68
C PRO A 506 10.83 -11.35 19.90
N GLU A 507 10.89 -12.05 21.00
CA GLU A 507 11.97 -12.95 21.30
C GLU A 507 11.77 -14.28 20.58
N PRO A 508 12.86 -14.95 20.20
CA PRO A 508 14.22 -14.54 20.36
C PRO A 508 14.58 -13.61 19.17
N GLY A 509 15.25 -12.54 19.53
CA GLY A 509 15.62 -11.50 18.61
C GLY A 509 16.83 -10.89 19.28
N LEU A 510 16.53 -10.10 20.31
CA LEU A 510 17.50 -9.49 21.16
C LEU A 510 18.42 -10.55 21.70
N SER A 511 17.89 -11.65 22.23
CA SER A 511 18.79 -12.70 22.76
C SER A 511 19.80 -13.25 21.74
N THR A 512 19.35 -13.50 20.52
CA THR A 512 20.25 -13.91 19.46
C THR A 512 21.31 -12.84 19.10
N VAL A 513 20.89 -11.59 18.94
CA VAL A 513 21.80 -10.50 18.72
C VAL A 513 22.87 -10.51 19.82
N GLN A 514 22.46 -10.59 21.06
CA GLN A 514 23.42 -10.55 22.18
C GLN A 514 24.40 -11.70 22.16
N ALA A 515 23.90 -12.88 21.85
CA ALA A 515 24.78 -14.07 21.74
C ALA A 515 25.73 -13.98 20.59
N VAL A 516 25.28 -13.48 19.43
CA VAL A 516 26.15 -13.34 18.25
C VAL A 516 27.17 -12.26 18.46
N CYS A 517 26.70 -11.03 18.78
CA CYS A 517 27.59 -9.89 18.96
C CYS A 517 28.59 -10.04 20.13
N GLY A 518 28.20 -10.79 21.12
CA GLY A 518 29.08 -11.18 22.23
C GLY A 518 30.28 -11.96 21.79
N GLY A 519 30.14 -12.72 20.70
CA GLY A 519 31.20 -13.55 20.18
C GLY A 519 32.04 -13.05 19.01
N VAL A 520 31.48 -12.19 18.19
CA VAL A 520 32.14 -11.77 16.97
C VAL A 520 31.54 -10.42 16.56
N ARG A 521 32.34 -9.59 15.86
CA ARG A 521 31.81 -8.32 15.42
C ARG A 521 30.55 -8.59 14.55
C ARG A 521 30.57 -8.58 14.55
N CYS A 522 29.51 -7.82 14.80
CA CYS A 522 28.16 -8.08 14.16
C CYS A 522 27.52 -6.85 13.51
N ALA A 523 26.93 -7.08 12.35
CA ALA A 523 26.01 -6.12 11.75
C ALA A 523 24.55 -6.63 11.95
N THR A 524 23.75 -5.88 12.70
CA THR A 524 22.37 -6.28 13.00
C THR A 524 21.49 -5.64 11.97
N VAL A 525 20.66 -6.43 11.36
CA VAL A 525 19.68 -5.86 10.40
C VAL A 525 18.32 -6.01 11.06
N LEU A 526 17.72 -4.87 11.37
CA LEU A 526 16.45 -4.77 12.01
C LEU A 526 15.32 -4.63 10.95
N ILE A 527 14.44 -5.63 10.90
CA ILE A 527 13.29 -5.63 9.94
C ILE A 527 12.07 -5.20 10.74
N SER A 528 11.45 -4.09 10.38
CA SER A 528 10.30 -3.62 11.12
C SER A 528 9.47 -2.71 10.27
N GLY A 529 8.20 -2.48 10.65
CA GLY A 529 7.32 -1.57 9.91
C GLY A 529 7.35 -0.14 10.48
N ARG A 530 8.25 0.09 11.42
CA ARG A 530 8.21 1.27 12.24
C ARG A 530 9.39 1.23 13.23
N PRO A 531 9.65 2.35 13.86
CA PRO A 531 10.52 2.30 15.03
C PRO A 531 9.99 1.41 16.09
N VAL A 532 10.92 0.75 16.74
CA VAL A 532 10.66 -0.16 17.82
C VAL A 532 11.75 0.09 18.86
N VAL A 533 11.49 -0.38 20.06
CA VAL A 533 12.48 -0.25 21.13
C VAL A 533 13.78 -0.83 20.65
N VAL A 534 14.81 0.01 20.57
CA VAL A 534 16.09 -0.35 19.96
C VAL A 534 17.35 -0.15 20.78
N GLN A 535 17.27 0.50 21.93
CA GLN A 535 18.50 0.67 22.75
C GLN A 535 19.22 -0.63 23.08
N PRO A 536 18.51 -1.68 23.49
CA PRO A 536 19.26 -2.92 23.76
C PRO A 536 19.90 -3.54 22.56
N LEU A 537 19.26 -3.51 21.41
CA LEU A 537 19.89 -3.97 20.18
C LEU A 537 21.11 -3.11 19.81
N LEU A 538 20.96 -1.81 19.90
CA LEU A 538 22.11 -0.92 19.66
C LEU A 538 23.31 -1.24 20.60
N ALA A 539 23.05 -1.45 21.89
CA ALA A 539 24.09 -1.62 22.86
C ALA A 539 24.92 -2.87 22.54
N ALA A 540 24.29 -3.92 22.07
CA ALA A 540 24.99 -5.13 21.73
C ALA A 540 25.80 -5.07 20.41
N SER A 541 25.32 -4.29 19.46
CA SER A 541 25.71 -4.38 18.04
C SER A 541 26.87 -3.42 17.68
N ASP A 542 27.83 -3.87 16.89
CA ASP A 542 28.80 -2.99 16.27
C ASP A 542 28.16 -2.09 15.26
N ALA A 543 27.40 -2.68 14.33
CA ALA A 543 26.60 -1.85 13.45
C ALA A 543 25.14 -2.30 13.47
N LEU A 544 24.25 -1.37 13.18
CA LEU A 544 22.82 -1.62 13.10
C LEU A 544 22.15 -0.82 11.99
N VAL A 545 21.38 -1.56 11.20
CA VAL A 545 20.65 -1.01 10.07
C VAL A 545 19.16 -1.19 10.29
N ALA A 546 18.40 -0.12 10.10
CA ALA A 546 16.96 -0.16 10.05
C ALA A 546 16.59 -0.43 8.60
N ALA A 547 16.22 -1.66 8.28
CA ALA A 547 15.92 -2.04 6.92
C ALA A 547 14.41 -1.97 6.59
N TRP A 548 13.55 -1.65 7.58
CA TRP A 548 12.10 -1.57 7.40
C TRP A 548 11.56 -2.94 6.90
N LEU A 549 10.73 -2.92 5.85
CA LEU A 549 10.16 -4.16 5.28
C LEU A 549 10.53 -4.10 3.82
N PRO A 550 11.74 -4.53 3.48
CA PRO A 550 12.34 -4.29 2.18
C PRO A 550 11.83 -5.06 0.99
N GLY A 551 11.02 -6.07 1.23
CA GLY A 551 10.36 -6.78 0.16
C GLY A 551 11.08 -7.98 -0.38
N SER A 552 10.82 -8.34 -1.64
CA SER A 552 11.35 -9.59 -2.17
C SER A 552 12.84 -9.64 -2.45
N GLU A 553 13.45 -8.49 -2.69
CA GLU A 553 14.83 -8.41 -3.19
C GLU A 553 15.79 -8.13 -2.08
N GLY A 554 16.19 -9.20 -1.39
CA GLY A 554 17.11 -9.10 -0.29
C GLY A 554 18.49 -8.62 -0.67
N GLN A 555 18.88 -8.76 -1.94
CA GLN A 555 20.15 -8.24 -2.39
C GLN A 555 20.27 -6.73 -2.19
N GLY A 556 19.15 -6.02 -2.01
CA GLY A 556 19.22 -4.62 -1.70
C GLY A 556 19.92 -4.41 -0.36
N VAL A 557 19.67 -5.31 0.58
CA VAL A 557 20.34 -5.24 1.86
C VAL A 557 21.87 -5.48 1.76
N THR A 558 22.27 -6.54 1.07
CA THR A 558 23.70 -6.85 0.95
C THR A 558 24.46 -5.87 0.05
N ASP A 559 23.77 -5.24 -0.90
CA ASP A 559 24.39 -4.20 -1.75
C ASP A 559 25.02 -3.11 -0.89
N ALA A 560 24.37 -2.76 0.23
CA ALA A 560 24.86 -1.77 1.14
C ALA A 560 25.79 -2.40 2.20
N LEU A 561 25.49 -3.59 2.67
CA LEU A 561 26.32 -4.20 3.70
C LEU A 561 27.75 -4.40 3.19
N PHE A 562 27.91 -4.82 1.92
CA PHE A 562 29.18 -5.12 1.32
C PHE A 562 29.77 -3.97 0.53
N GLY A 563 29.16 -2.81 0.64
CA GLY A 563 29.78 -1.64 0.05
C GLY A 563 29.65 -1.46 -1.47
N ASP A 564 28.84 -2.23 -2.15
CA ASP A 564 28.59 -1.93 -3.58
C ASP A 564 27.97 -0.55 -3.72
N PHE A 565 27.16 -0.12 -2.74
CA PHE A 565 26.69 1.23 -2.70
C PHE A 565 26.82 1.73 -1.25
N GLY A 566 26.83 3.05 -1.09
CA GLY A 566 26.87 3.59 0.26
C GLY A 566 25.50 3.69 0.85
N PHE A 567 25.40 3.69 2.17
CA PHE A 567 24.11 3.97 2.85
C PHE A 567 23.73 5.39 2.61
N THR A 568 22.48 5.66 2.23
CA THR A 568 21.99 7.02 2.04
C THR A 568 20.67 7.26 2.71
N GLY A 569 19.98 6.23 3.16
CA GLY A 569 18.64 6.42 3.77
C GLY A 569 18.65 7.32 5.03
N ARG A 570 17.59 8.08 5.20
CA ARG A 570 17.39 8.96 6.38
C ARG A 570 16.02 8.69 6.95
N LEU A 571 15.95 8.61 8.29
CA LEU A 571 14.71 8.28 8.95
C LEU A 571 13.60 9.16 8.44
N PRO A 572 12.49 8.52 8.04
CA PRO A 572 11.32 9.29 7.68
C PRO A 572 10.37 9.49 8.85
N ARG A 573 10.79 9.06 10.01
CA ARG A 573 9.95 9.10 11.21
C ARG A 573 10.91 9.39 12.33
N THR A 574 10.38 9.96 13.40
CA THR A 574 11.06 10.06 14.66
C THR A 574 11.26 8.69 15.28
N TRP A 575 12.47 8.44 15.80
CA TRP A 575 12.68 7.28 16.62
C TRP A 575 12.68 7.63 18.10
N PHE A 576 11.69 7.08 18.79
CA PHE A 576 11.44 7.37 20.21
C PHE A 576 12.40 6.67 21.15
N LYS A 577 12.55 7.28 22.32
CA LYS A 577 13.35 6.65 23.33
C LYS A 577 12.50 5.61 24.04
N SER A 578 11.23 5.91 24.18
CA SER A 578 10.34 5.08 24.97
C SER A 578 8.90 5.22 24.47
N VAL A 579 8.08 4.17 24.54
CA VAL A 579 6.70 4.32 24.11
C VAL A 579 5.87 5.24 25.02
N ASP A 580 6.29 5.43 26.28
CA ASP A 580 5.64 6.45 27.11
C ASP A 580 5.72 7.83 26.54
N GLN A 581 6.67 8.11 25.65
CA GLN A 581 6.71 9.47 25.05
C GLN A 581 5.63 9.71 24.02
N LEU A 582 5.01 8.64 23.58
CA LEU A 582 4.20 8.74 22.38
C LEU A 582 2.80 9.33 22.70
N PRO A 583 2.25 10.11 21.78
CA PRO A 583 2.82 10.42 20.49
C PRO A 583 3.88 11.49 20.61
N MET A 584 4.92 11.41 19.79
CA MET A 584 5.94 12.45 19.77
C MET A 584 6.43 12.76 18.37
N ASN A 585 6.14 13.97 17.85
CA ASN A 585 6.57 14.30 16.46
C ASN A 585 7.44 15.53 16.29
N VAL A 586 8.33 15.48 15.29
CA VAL A 586 9.21 16.62 14.97
C VAL A 586 8.34 17.86 15.04
N GLY A 587 8.53 18.66 16.09
CA GLY A 587 7.74 19.82 16.37
C GLY A 587 7.24 20.03 17.78
N ASP A 588 7.05 19.01 18.62
CA ASP A 588 6.33 19.22 19.93
C ASP A 588 7.19 19.73 21.08
N ALA A 589 6.54 20.06 22.18
CA ALA A 589 7.22 20.50 23.40
C ALA A 589 8.28 19.49 23.90
N HIS A 590 7.80 18.29 24.20
CA HIS A 590 8.61 17.24 24.79
C HIS A 590 9.41 16.45 23.72
N TYR A 591 9.80 17.09 22.57
CA TYR A 591 10.59 16.41 21.51
C TYR A 591 12.00 16.01 21.96
N ASP A 592 12.10 14.75 22.38
CA ASP A 592 13.30 14.17 22.94
C ASP A 592 13.49 12.77 22.29
N PRO A 593 13.94 12.74 21.04
CA PRO A 593 14.04 11.53 20.21
C PRO A 593 15.31 10.82 20.50
N LEU A 594 15.32 9.50 20.39
CA LEU A 594 16.56 8.78 20.29
C LEU A 594 17.31 9.13 19.00
N PHE A 595 16.57 9.16 17.88
CA PHE A 595 17.06 9.64 16.59
C PHE A 595 15.99 10.51 15.98
N ARG A 596 16.36 11.73 15.63
CA ARG A 596 15.46 12.70 15.07
C ARG A 596 15.07 12.31 13.60
N LEU A 597 13.88 12.71 13.21
CA LEU A 597 13.50 12.55 11.80
C LEU A 597 14.64 13.08 10.98
N GLY A 598 14.98 12.41 9.88
CA GLY A 598 16.09 12.84 9.02
C GLY A 598 17.48 12.30 9.40
N TYR A 599 17.64 11.67 10.56
CA TYR A 599 18.93 11.09 10.92
C TYR A 599 19.28 9.89 10.03
N GLY A 600 20.56 9.77 9.66
CA GLY A 600 21.02 8.50 9.04
C GLY A 600 22.51 8.61 8.81
N LEU A 601 23.29 7.62 9.22
CA LEU A 601 24.71 7.61 8.96
C LEU A 601 24.91 7.24 7.49
N THR A 602 26.07 7.58 6.96
CA THR A 602 26.45 7.23 5.60
C THR A 602 27.73 6.40 5.53
N THR A 603 27.90 5.75 4.40
CA THR A 603 29.12 5.13 4.06
C THR A 603 29.36 5.52 2.63
N ASN A 604 30.59 5.28 2.22
CA ASN A 604 31.00 5.37 0.82
C ASN A 604 31.10 3.99 0.13
N ALA A 605 30.77 3.92 -1.16
CA ALA A 605 30.94 2.65 -1.90
C ALA A 605 32.43 2.14 -1.85
N THR A 606 32.65 0.83 -1.78
CA THR A 606 34.00 0.23 -1.71
C THR A 606 34.75 0.38 -3.01
S2 U2A B . -9.57 -3.65 5.62
C2 U2A B . -10.25 -5.32 5.62
C1 U2A B . -9.43 -6.55 4.96
O1 U2A B . -9.07 -6.52 3.54
C7 U2A B . -9.57 -7.67 2.87
O5 U2A B . -10.11 -7.85 5.19
C3 U2A B . -10.69 -5.61 7.12
O3 U2A B . -11.39 -4.58 7.99
C4 U2A B . -11.47 -6.94 6.95
O4 U2A B . -12.35 -7.22 8.05
C5 U2A B . -10.45 -8.04 6.57
C6 U2A B . -10.95 -9.45 6.89
O6 U2A B . -11.95 -9.85 5.94
C2 BGC B . -8.38 -1.53 4.19
C3 BGC B . -8.13 -0.87 2.81
C4 BGC B . -8.19 -1.97 1.71
C5 BGC B . -9.49 -2.78 1.77
C6 BGC B . -9.70 -3.80 0.66
C1 BGC B . -9.54 -2.60 4.19
O2 BGC B . -8.62 -0.47 5.17
O3 BGC B . -6.84 -0.11 2.72
O4 BGC B . -8.02 -1.32 0.48
O5 BGC B . -9.49 -3.48 3.05
O6 BGC B . -8.84 -4.92 0.78
C1 NAG C . -12.21 3.74 19.88
C2 NAG C . -13.52 3.53 19.16
C3 NAG C . -14.53 3.04 20.19
C4 NAG C . -13.99 1.88 21.04
C5 NAG C . -12.48 1.87 21.31
C6 NAG C . -11.99 0.43 21.57
C7 NAG C . -14.04 5.03 17.29
C8 NAG C . -14.51 6.36 16.86
N2 NAG C . -13.96 4.76 18.59
O3 NAG C . -15.69 2.59 19.49
O4 NAG C . -14.66 1.90 22.29
O5 NAG C . -11.70 2.49 20.27
O6 NAG C . -10.59 0.43 21.78
O7 NAG C . -13.73 4.24 16.42
C1 NAG D . 33.38 9.22 3.08
C2 NAG D . 34.88 9.05 3.38
C3 NAG D . 35.06 9.90 4.64
C4 NAG D . 34.51 11.31 4.32
C5 NAG D . 33.81 11.54 2.94
C6 NAG D . 34.59 12.48 2.01
C7 NAG D . 35.34 6.67 4.00
C8 NAG D . 35.79 5.31 3.52
N2 NAG D . 35.35 7.67 3.13
O3 NAG D . 36.42 9.99 5.08
O4 NAG D . 33.59 11.63 5.34
O5 NAG D . 33.37 10.36 2.23
O6 NAG D . 34.24 12.26 0.66
O7 NAG D . 34.97 6.86 5.14
C1 NAG E . 3.53 -6.57 22.46
C2 NAG E . 3.59 -7.69 23.49
C3 NAG E . 3.16 -8.96 22.77
C4 NAG E . 1.77 -8.73 22.15
C5 NAG E . 1.58 -7.37 21.43
C6 NAG E . 0.10 -7.02 21.15
C7 NAG E . 5.15 -7.22 25.36
C8 NAG E . 6.60 -7.13 25.84
N2 NAG E . 4.92 -7.61 24.09
O3 NAG E . 3.12 -10.06 23.64
O4 NAG E . 1.43 -9.78 21.25
O5 NAG E . 2.18 -6.30 22.15
O6 NAG E . 0.01 -5.69 20.68
O7 NAG E . 4.22 -6.95 26.12
C1 GOL F . 15.14 16.29 2.66
O1 GOL F . 16.25 17.13 2.97
C2 GOL F . 14.56 15.61 3.93
O2 GOL F . 13.12 15.54 3.79
C3 GOL F . 14.93 16.23 5.30
O3 GOL F . 14.60 15.28 6.35
C1 GOL G . 25.81 -21.25 -3.24
O1 GOL G . 26.56 -20.12 -2.83
C2 GOL G . 24.55 -20.65 -3.81
O2 GOL G . 24.12 -21.45 -4.95
C3 GOL G . 24.84 -19.21 -4.21
O3 GOL G . 23.62 -18.78 -4.76
C1 GOL H . 22.40 4.00 -8.89
O1 GOL H . 21.35 3.15 -8.38
C2 GOL H . 22.19 5.37 -8.27
O2 GOL H . 22.22 5.02 -6.91
C3 GOL H . 20.87 6.04 -8.76
O3 GOL H . 20.42 7.25 -8.08
C1 GOL I . 19.64 -23.73 13.43
O1 GOL I . 19.36 -22.86 12.21
C2 GOL I . 20.45 -23.09 14.66
O2 GOL I . 19.57 -22.55 15.68
C3 GOL I . 21.64 -23.92 15.28
O3 GOL I . 22.71 -23.21 16.04
S SO4 J . 19.91 12.58 16.90
O1 SO4 J . 19.18 12.28 15.64
O2 SO4 J . 20.63 13.80 16.55
O3 SO4 J . 20.87 11.52 17.40
O4 SO4 J . 18.97 12.88 17.99
S SO4 K . -34.54 14.26 -7.56
O1 SO4 K . -35.04 14.24 -8.97
O2 SO4 K . -34.95 12.91 -7.01
O3 SO4 K . -35.11 15.37 -6.72
O4 SO4 K . -33.08 14.64 -7.68
#